data_4ZT2
#
_entry.id   4ZT2
#
_cell.length_a   87.068
_cell.length_b   106.070
_cell.length_c   207.674
_cell.angle_alpha   90.000
_cell.angle_beta   90.000
_cell.angle_gamma   90.000
#
_symmetry.space_group_name_H-M   'P 21 21 21'
#
loop_
_entity.id
_entity.type
_entity.pdbx_description
1 polymer 'Methionyl-tRNA synthetase'
2 non-polymer 'DIMETHYL SULFOXIDE'
3 non-polymer METHIONINE
4 non-polymer GLYCEROL
5 non-polymer "N-(3,5-dichlorobenzyl)-N'-(1H-imidazo[4,5-b]pyridin-2-yl)propane-1,3-diamine"
6 non-polymer 'SULFATE ION'
7 water water
#
_entity_poly.entity_id   1
_entity_poly.type   'polypeptide(L)'
_entity_poly.pdbx_seq_one_letter_code
;GPGSMKVEKVFFVTSPIYYVNAAPHIGHVYSTLITDVIGRYHRVKGERVFALTGTDEHGQKVAEAAKQKQVSPYDFTTAV
AGEFKKCFEQMDYSIDYFIRTTNEQHKAVVKELWTKLEQKGDIYLGRYEGWYSISDESFLTPQNITDGVDKDGNPCKVSL
ESGHVVTWVSEENYMFRLSAFRERLLEWYHANPGCIVPEFRRREVIRAVEKGLPDLSVSRARATLHNWAIPVPGNPDH
(CAS)VYVWLDALTNYLTGSRLRVDESGKEVSLVDDFNELERFPADVHVIGKDILKFHAIYWPAFLLSAGLPLPKKIVAH
GWWTKDRKKISKSLGNVFDPVEKAEEFGYDALKYFLLRESGFSDDGDYSDKNMIARLNGELADTLGNLVMRCTSAKINVN
GEWPSPAAYTEEDESLIQLIKDLPGTADHYYLIPDIQKAIIAVFDVLRAINAYVTDMAPWKLVKTDPERLRTVLYITLEG
VRVTTLLLSPILPRKSVVIFDMLGVPEVHRKGIENFEFGAVPPGTRLGPAVEGEVLFSKRSTENTKST
;
_entity_poly.pdbx_strand_id   A,B
#
# COMPACT_ATOMS: atom_id res chain seq x y z
N VAL A 7 -21.99 -11.44 -20.09
CA VAL A 7 -21.98 -12.27 -21.34
C VAL A 7 -20.67 -13.09 -21.43
N GLU A 8 -20.74 -14.39 -21.13
CA GLU A 8 -19.57 -15.26 -21.25
C GLU A 8 -19.22 -15.50 -22.71
N LYS A 9 -18.19 -14.79 -23.15
CA LYS A 9 -17.52 -15.00 -24.43
C LYS A 9 -16.06 -15.44 -24.28
N VAL A 10 -15.38 -15.63 -25.40
CA VAL A 10 -13.94 -15.87 -25.38
C VAL A 10 -13.25 -14.52 -25.28
N PHE A 11 -12.39 -14.37 -24.27
CA PHE A 11 -11.67 -13.12 -24.10
C PHE A 11 -10.70 -12.94 -25.24
N PHE A 12 -10.89 -11.85 -25.98
CA PHE A 12 -10.15 -11.60 -27.21
C PHE A 12 -9.22 -10.40 -27.02
N VAL A 13 -7.91 -10.69 -26.98
CA VAL A 13 -6.87 -9.68 -26.82
C VAL A 13 -5.94 -9.70 -28.04
N THR A 14 -5.56 -8.52 -28.53
CA THR A 14 -4.76 -8.40 -29.76
C THR A 14 -3.55 -7.51 -29.59
N SER A 15 -2.56 -7.74 -30.43
CA SER A 15 -1.47 -6.78 -30.63
C SER A 15 -1.72 -6.08 -31.97
N PRO A 16 -0.93 -5.06 -32.29
CA PRO A 16 -0.98 -4.60 -33.66
C PRO A 16 -0.29 -5.63 -34.53
N ILE A 17 -0.60 -5.61 -35.83
CA ILE A 17 0.18 -6.39 -36.80
C ILE A 17 1.25 -5.48 -37.38
N TYR A 18 2.48 -5.98 -37.43
CA TYR A 18 3.66 -5.14 -37.64
C TYR A 18 4.10 -5.14 -39.09
N TYR A 19 4.53 -3.97 -39.56
CA TYR A 19 5.01 -3.86 -40.93
C TYR A 19 6.25 -4.71 -41.05
N VAL A 20 6.40 -5.39 -42.17
CA VAL A 20 7.57 -6.23 -42.42
C VAL A 20 8.69 -5.55 -43.23
N ASN A 21 8.73 -4.23 -43.26
CA ASN A 21 9.84 -3.57 -43.96
C ASN A 21 11.20 -3.83 -43.34
N ALA A 22 11.19 -4.32 -42.11
CA ALA A 22 12.36 -4.35 -41.27
C ALA A 22 12.26 -5.45 -40.25
N ALA A 23 13.41 -5.81 -39.70
CA ALA A 23 13.51 -6.90 -38.77
C ALA A 23 12.80 -6.54 -37.47
N PRO A 24 12.31 -7.56 -36.74
CA PRO A 24 11.68 -7.30 -35.43
C PRO A 24 12.66 -6.68 -34.44
N HIS A 25 12.14 -5.79 -33.61
CA HIS A 25 12.92 -5.08 -32.63
C HIS A 25 12.09 -4.92 -31.34
N ILE A 26 12.69 -4.27 -30.36
CA ILE A 26 12.07 -4.11 -29.05
C ILE A 26 10.61 -3.61 -29.08
N GLY A 27 10.35 -2.59 -29.88
CA GLY A 27 8.99 -2.09 -30.10
C GLY A 27 7.92 -3.16 -30.25
N HIS A 28 8.15 -4.10 -31.17
CA HIS A 28 7.13 -5.14 -31.44
C HIS A 28 7.09 -6.15 -30.33
N VAL A 29 8.27 -6.47 -29.81
CA VAL A 29 8.41 -7.35 -28.68
C VAL A 29 7.61 -6.83 -27.48
N TYR A 30 7.68 -5.53 -27.25
CA TYR A 30 7.00 -4.91 -26.12
C TYR A 30 5.49 -4.92 -26.30
N SER A 31 5.02 -4.52 -27.48
CA SER A 31 3.59 -4.54 -27.78
C SER A 31 3.02 -5.93 -27.59
N THR A 32 3.73 -6.91 -28.14
CA THR A 32 3.26 -8.29 -28.09
C THR A 32 3.38 -8.89 -26.69
N LEU A 33 4.37 -8.43 -25.93
CA LEU A 33 4.50 -8.81 -24.51
C LEU A 33 3.28 -8.41 -23.69
N ILE A 34 2.84 -7.17 -23.88
CA ILE A 34 1.66 -6.66 -23.18
C ILE A 34 0.43 -7.49 -23.54
N THR A 35 0.22 -7.72 -24.84
CA THR A 35 -0.86 -8.60 -25.30
C THR A 35 -0.80 -9.98 -24.61
N ASP A 36 0.40 -10.53 -24.54
CA ASP A 36 0.63 -11.86 -23.96
C ASP A 36 0.32 -11.91 -22.46
N VAL A 37 0.76 -10.87 -21.75
CA VAL A 37 0.54 -10.79 -20.30
C VAL A 37 -0.95 -10.71 -19.97
N ILE A 38 -1.70 -9.87 -20.69
CA ILE A 38 -3.15 -9.78 -20.52
C ILE A 38 -3.79 -11.14 -20.75
N GLY A 39 -3.44 -11.76 -21.87
CA GLY A 39 -3.99 -13.04 -22.23
C GLY A 39 -3.71 -14.06 -21.15
N ARG A 40 -2.48 -14.05 -20.63
CA ARG A 40 -2.08 -14.99 -19.59
C ARG A 40 -2.89 -14.78 -18.33
N TYR A 41 -3.04 -13.52 -17.91
CA TYR A 41 -3.80 -13.23 -16.69
C TYR A 41 -5.21 -13.81 -16.78
N HIS A 42 -5.89 -13.66 -17.92
CA HIS A 42 -7.27 -14.14 -18.06
C HIS A 42 -7.35 -15.66 -18.11
N ARG A 43 -6.35 -16.30 -18.71
CA ARG A 43 -6.22 -17.76 -18.62
C ARG A 43 -6.00 -18.22 -17.16
N VAL A 44 -5.20 -17.48 -16.38
CA VAL A 44 -5.00 -17.77 -14.95
C VAL A 44 -6.31 -17.62 -14.17
N LYS A 45 -7.12 -16.65 -14.61
CA LYS A 45 -8.43 -16.42 -14.01
C LYS A 45 -9.43 -17.55 -14.34
N GLY A 46 -9.11 -18.36 -15.35
CA GLY A 46 -9.92 -19.51 -15.75
C GLY A 46 -10.82 -19.24 -16.95
N GLU A 47 -10.52 -18.15 -17.67
CA GLU A 47 -11.36 -17.72 -18.79
C GLU A 47 -10.85 -18.31 -20.10
N ARG A 48 -11.74 -18.44 -21.08
CA ARG A 48 -11.32 -18.78 -22.44
C ARG A 48 -10.64 -17.56 -23.04
N VAL A 49 -9.50 -17.78 -23.69
CA VAL A 49 -8.72 -16.69 -24.25
C VAL A 49 -8.29 -16.98 -25.69
N PHE A 50 -8.31 -15.94 -26.51
CA PHE A 50 -7.73 -15.97 -27.84
C PHE A 50 -6.89 -14.70 -28.00
N ALA A 51 -5.58 -14.87 -27.97
CA ALA A 51 -4.67 -13.77 -28.15
C ALA A 51 -4.13 -13.80 -29.57
N LEU A 52 -4.00 -12.64 -30.17
CA LEU A 52 -3.65 -12.51 -31.57
C LEU A 52 -2.48 -11.54 -31.75
N THR A 53 -1.55 -11.92 -32.63
CA THR A 53 -0.52 -11.02 -33.13
C THR A 53 -0.27 -11.36 -34.62
N GLY A 54 0.56 -10.58 -35.30
CA GLY A 54 0.82 -10.86 -36.71
C GLY A 54 1.59 -9.79 -37.46
N THR A 55 1.58 -9.91 -38.78
CA THR A 55 2.33 -9.04 -39.66
C THR A 55 1.45 -8.39 -40.73
N ASP A 56 1.81 -7.14 -41.05
CA ASP A 56 1.12 -6.28 -41.98
C ASP A 56 1.99 -6.24 -43.24
N GLU A 57 1.59 -6.97 -44.26
CA GLU A 57 2.52 -7.34 -45.33
C GLU A 57 2.37 -6.59 -46.66
N HIS A 58 1.22 -5.98 -46.92
CA HIS A 58 1.02 -5.20 -48.15
C HIS A 58 1.46 -3.74 -48.04
N GLY A 59 1.34 -3.03 -49.15
CA GLY A 59 1.40 -1.58 -49.14
C GLY A 59 2.68 -1.08 -49.76
N GLN A 60 2.69 0.21 -50.05
CA GLN A 60 3.80 0.90 -50.70
C GLN A 60 5.10 0.81 -49.89
N LYS A 61 4.99 0.98 -48.58
CA LYS A 61 6.16 0.94 -47.71
C LYS A 61 6.93 -0.40 -47.75
N VAL A 62 6.21 -1.50 -47.64
CA VAL A 62 6.81 -2.84 -47.71
C VAL A 62 7.37 -3.12 -49.10
N ALA A 63 6.59 -2.82 -50.12
CA ALA A 63 7.00 -3.07 -51.50
C ALA A 63 8.30 -2.34 -51.82
N GLU A 64 8.42 -1.10 -51.33
CA GLU A 64 9.64 -0.31 -51.54
C GLU A 64 10.84 -0.80 -50.73
N ALA A 65 10.57 -1.39 -49.58
CA ALA A 65 11.63 -2.07 -48.81
C ALA A 65 12.15 -3.30 -49.55
N ALA A 66 11.23 -4.11 -50.06
CA ALA A 66 11.56 -5.26 -50.91
C ALA A 66 12.37 -4.83 -52.15
N LYS A 67 11.94 -3.75 -52.81
CA LYS A 67 12.65 -3.23 -53.99
C LYS A 67 14.06 -2.73 -53.64
N GLN A 68 14.21 -2.16 -52.44
CA GLN A 68 15.52 -1.74 -51.93
C GLN A 68 16.46 -2.92 -51.75
N LYS A 69 15.96 -4.01 -51.17
CA LYS A 69 16.75 -5.25 -51.00
C LYS A 69 16.85 -6.10 -52.28
N GLN A 70 16.19 -5.67 -53.36
CA GLN A 70 16.25 -6.32 -54.66
C GLN A 70 15.76 -7.76 -54.63
N VAL A 71 14.60 -7.98 -54.02
CA VAL A 71 13.97 -9.30 -54.02
C VAL A 71 12.43 -9.11 -54.09
N SER A 72 11.70 -10.14 -54.55
CA SER A 72 10.26 -9.99 -54.79
C SER A 72 9.50 -9.75 -53.49
N PRO A 73 8.43 -8.95 -53.55
CA PRO A 73 7.69 -8.70 -52.32
C PRO A 73 7.18 -9.97 -51.64
N TYR A 74 6.87 -11.01 -52.41
CA TYR A 74 6.34 -12.24 -51.81
C TYR A 74 7.45 -12.90 -50.99
N ASP A 75 8.62 -13.05 -51.61
CA ASP A 75 9.79 -13.64 -50.93
C ASP A 75 10.14 -12.86 -49.68
N PHE A 76 10.19 -11.54 -49.83
CA PHE A 76 10.60 -10.64 -48.79
C PHE A 76 9.65 -10.73 -47.59
N THR A 77 8.34 -10.58 -47.84
CA THR A 77 7.37 -10.66 -46.77
C THR A 77 7.42 -11.99 -46.07
N THR A 78 7.52 -13.08 -46.83
CA THR A 78 7.53 -14.41 -46.23
C THR A 78 8.73 -14.61 -45.31
N ALA A 79 9.89 -14.16 -45.77
CA ALA A 79 11.12 -14.21 -44.96
C ALA A 79 10.99 -13.42 -43.66
N VAL A 80 10.57 -12.15 -43.75
CA VAL A 80 10.51 -11.29 -42.58
C VAL A 80 9.44 -11.78 -41.62
N ALA A 81 8.30 -12.21 -42.15
CA ALA A 81 7.27 -12.83 -41.31
C ALA A 81 7.86 -14.00 -40.50
N GLY A 82 8.73 -14.78 -41.14
CA GLY A 82 9.43 -15.85 -40.45
C GLY A 82 10.34 -15.35 -39.33
N GLU A 83 11.02 -14.23 -39.56
CA GLU A 83 11.85 -13.60 -38.53
C GLU A 83 11.01 -13.18 -37.33
N PHE A 84 9.83 -12.61 -37.58
CA PHE A 84 8.91 -12.23 -36.51
C PHE A 84 8.43 -13.44 -35.71
N LYS A 85 8.09 -14.53 -36.41
CA LYS A 85 7.62 -15.74 -35.75
C LYS A 85 8.70 -16.33 -34.86
N LYS A 86 9.92 -16.37 -35.39
CA LYS A 86 11.06 -16.90 -34.64
C LYS A 86 11.32 -16.08 -33.39
N CYS A 87 11.25 -14.76 -33.52
CA CYS A 87 11.43 -13.85 -32.39
C CYS A 87 10.40 -14.11 -31.29
N PHE A 88 9.14 -14.29 -31.65
CA PHE A 88 8.10 -14.49 -30.66
C PHE A 88 8.12 -15.87 -30.01
N GLU A 89 8.65 -16.87 -30.72
CA GLU A 89 8.92 -18.16 -30.09
C GLU A 89 10.06 -18.03 -29.10
N GLN A 90 11.12 -17.33 -29.52
CA GLN A 90 12.27 -17.15 -28.66
C GLN A 90 11.88 -16.44 -27.36
N MET A 91 11.03 -15.42 -27.47
CA MET A 91 10.53 -14.67 -26.34
C MET A 91 9.56 -15.45 -25.46
N ASP A 92 9.15 -16.63 -25.89
CA ASP A 92 8.35 -17.53 -25.04
C ASP A 92 6.98 -16.96 -24.72
N TYR A 93 6.35 -16.34 -25.71
CA TYR A 93 4.97 -15.87 -25.57
C TYR A 93 4.01 -17.04 -25.62
N SER A 94 2.73 -16.77 -25.40
CA SER A 94 1.71 -17.79 -25.51
C SER A 94 0.55 -17.23 -26.34
N ILE A 95 0.88 -16.71 -27.51
CA ILE A 95 -0.09 -16.15 -28.43
C ILE A 95 -0.77 -17.30 -29.16
N ASP A 96 -2.08 -17.21 -29.30
CA ASP A 96 -2.86 -18.29 -29.85
C ASP A 96 -2.78 -18.39 -31.38
N TYR A 97 -2.56 -17.27 -32.06
CA TYR A 97 -2.44 -17.28 -33.53
C TYR A 97 -1.61 -16.12 -34.07
N PHE A 98 -0.88 -16.38 -35.15
CA PHE A 98 -0.05 -15.38 -35.85
C PHE A 98 -0.64 -15.16 -37.24
N ILE A 99 -1.22 -14.00 -37.46
CA ILE A 99 -1.92 -13.73 -38.73
C ILE A 99 -1.04 -12.92 -39.68
N ARG A 100 -1.16 -13.22 -40.96
CA ARG A 100 -0.47 -12.51 -42.03
C ARG A 100 -1.51 -11.99 -42.99
N THR A 101 -1.37 -10.74 -43.40
CA THR A 101 -2.37 -10.13 -44.27
C THR A 101 -2.31 -10.70 -45.69
N THR A 102 -1.20 -11.34 -46.05
CA THR A 102 -1.12 -12.07 -47.32
C THR A 102 -1.99 -13.32 -47.35
N ASN A 103 -2.46 -13.77 -46.18
CA ASN A 103 -3.32 -14.95 -46.10
C ASN A 103 -4.60 -14.77 -46.93
N GLU A 104 -4.97 -15.82 -47.64
CA GLU A 104 -6.09 -15.75 -48.57
C GLU A 104 -7.40 -15.54 -47.82
N GLN A 105 -7.52 -16.11 -46.62
CA GLN A 105 -8.75 -16.00 -45.83
C GLN A 105 -8.89 -14.59 -45.29
N HIS A 106 -7.77 -13.95 -44.99
CA HIS A 106 -7.79 -12.54 -44.60
C HIS A 106 -8.30 -11.66 -45.73
N LYS A 107 -7.80 -11.91 -46.95
CA LYS A 107 -8.19 -11.12 -48.11
C LYS A 107 -9.68 -11.24 -48.38
N ALA A 108 -10.18 -12.46 -48.20
CA ALA A 108 -11.62 -12.73 -48.32
C ALA A 108 -12.43 -11.85 -47.41
N VAL A 109 -11.99 -11.76 -46.16
CA VAL A 109 -12.69 -10.95 -45.16
C VAL A 109 -12.63 -9.47 -45.54
N VAL A 110 -11.48 -9.01 -45.99
CA VAL A 110 -11.34 -7.62 -46.43
C VAL A 110 -12.34 -7.29 -47.53
N LYS A 111 -12.49 -8.19 -48.50
CA LYS A 111 -13.47 -7.99 -49.57
C LYS A 111 -14.91 -7.98 -49.05
N GLU A 112 -15.25 -8.88 -48.11
CA GLU A 112 -16.58 -8.90 -47.52
C GLU A 112 -16.88 -7.57 -46.85
N LEU A 113 -15.91 -7.06 -46.09
CA LEU A 113 -16.08 -5.83 -45.33
C LEU A 113 -16.18 -4.64 -46.25
N TRP A 114 -15.28 -4.57 -47.22
CA TRP A 114 -15.34 -3.50 -48.21
C TRP A 114 -16.72 -3.46 -48.87
N THR A 115 -17.21 -4.62 -49.31
CA THR A 115 -18.47 -4.70 -50.01
C THR A 115 -19.61 -4.22 -49.11
N LYS A 116 -19.53 -4.56 -47.84
CA LYS A 116 -20.55 -4.15 -46.88
C LYS A 116 -20.59 -2.63 -46.76
N LEU A 117 -19.43 -2.02 -46.59
CA LEU A 117 -19.33 -0.57 -46.52
C LEU A 117 -19.92 0.09 -47.76
N GLU A 118 -19.60 -0.47 -48.92
CA GLU A 118 -20.07 0.04 -50.21
C GLU A 118 -21.58 -0.05 -50.30
N GLN A 119 -22.13 -1.20 -49.91
CA GLN A 119 -23.58 -1.41 -49.91
C GLN A 119 -24.32 -0.44 -48.98
N LYS A 120 -23.77 -0.19 -47.80
CA LYS A 120 -24.36 0.78 -46.86
C LYS A 120 -24.23 2.24 -47.33
N GLY A 121 -23.60 2.46 -48.49
CA GLY A 121 -23.46 3.79 -49.07
C GLY A 121 -22.36 4.63 -48.46
N ASP A 122 -21.45 3.98 -47.74
CA ASP A 122 -20.41 4.70 -47.01
C ASP A 122 -19.07 4.78 -47.76
N ILE A 123 -18.99 4.14 -48.93
CA ILE A 123 -17.85 4.34 -49.85
C ILE A 123 -18.23 4.97 -51.23
N TYR A 124 -17.60 6.09 -51.60
CA TYR A 124 -17.82 6.79 -52.90
C TYR A 124 -16.51 7.06 -53.63
N LEU A 125 -16.61 7.38 -54.92
CA LEU A 125 -15.45 7.68 -55.73
C LEU A 125 -15.19 9.16 -55.71
N GLY A 126 -13.97 9.53 -55.30
CA GLY A 126 -13.55 10.91 -55.13
C GLY A 126 -12.07 11.09 -55.40
N ARG A 127 -11.49 12.14 -54.82
CA ARG A 127 -10.05 12.39 -54.91
C ARG A 127 -9.50 12.64 -53.52
N TYR A 128 -8.25 12.22 -53.31
CA TYR A 128 -7.44 12.78 -52.26
C TYR A 128 -6.33 13.63 -52.85
N GLU A 129 -6.33 14.92 -52.48
CA GLU A 129 -5.25 15.83 -52.82
C GLU A 129 -4.65 16.37 -51.54
N GLY A 130 -3.49 15.87 -51.17
CA GLY A 130 -2.87 16.27 -49.90
C GLY A 130 -1.60 15.54 -49.54
N TRP A 131 -1.18 15.70 -48.30
CA TRP A 131 0.08 15.12 -47.86
C TRP A 131 -0.08 13.67 -47.40
N TYR A 132 1.00 12.90 -47.57
CA TYR A 132 1.02 11.50 -47.18
C TYR A 132 2.41 11.11 -46.66
N SER A 133 2.44 10.36 -45.56
CA SER A 133 3.68 9.75 -45.09
C SER A 133 3.64 8.28 -45.45
N ILE A 134 4.47 7.88 -46.40
CA ILE A 134 4.54 6.49 -46.85
C ILE A 134 4.98 5.57 -45.69
N SER A 135 5.93 6.06 -44.89
CA SER A 135 6.46 5.33 -43.76
C SER A 135 5.41 5.04 -42.67
N ASP A 136 4.49 5.99 -42.46
CA ASP A 136 3.40 5.80 -41.50
C ASP A 136 2.11 5.30 -42.15
N GLU A 137 2.07 5.31 -43.49
CA GLU A 137 0.89 4.95 -44.29
C GLU A 137 -0.31 5.81 -43.88
N SER A 138 -0.03 7.10 -43.76
CA SER A 138 -0.91 8.03 -43.05
C SER A 138 -1.16 9.28 -43.88
N PHE A 139 -2.44 9.63 -44.05
CA PHE A 139 -2.81 10.93 -44.64
C PHE A 139 -2.65 12.01 -43.56
N LEU A 140 -2.06 13.13 -43.93
CA LEU A 140 -1.81 14.22 -43.01
C LEU A 140 -2.37 15.52 -43.59
N THR A 141 -2.80 16.41 -42.72
CA THR A 141 -3.24 17.74 -43.12
C THR A 141 -2.03 18.67 -43.10
N PRO A 142 -2.12 19.85 -43.74
CA PRO A 142 -0.97 20.75 -43.78
C PRO A 142 -0.48 21.22 -42.40
N GLN A 143 -1.38 21.22 -41.41
CA GLN A 143 -1.04 21.59 -40.05
C GLN A 143 -0.14 20.54 -39.38
N ASN A 144 -0.13 19.32 -39.93
CA ASN A 144 0.68 18.22 -39.42
C ASN A 144 2.01 18.00 -40.11
N ILE A 145 2.44 18.96 -40.95
CA ILE A 145 3.72 18.88 -41.62
C ILE A 145 4.60 20.08 -41.27
N THR A 146 5.90 19.92 -41.44
CA THR A 146 6.86 21.02 -41.27
C THR A 146 8.10 20.73 -42.10
N ASP A 147 9.09 21.62 -42.07
CA ASP A 147 10.33 21.43 -42.84
C ASP A 147 11.30 20.49 -42.13
N GLY A 148 12.09 19.75 -42.91
CA GLY A 148 13.05 18.79 -42.39
C GLY A 148 14.06 18.37 -43.45
N VAL A 149 14.56 17.13 -43.35
CA VAL A 149 15.51 16.59 -44.34
C VAL A 149 15.29 15.11 -44.71
N ASP A 150 15.67 14.76 -45.94
CA ASP A 150 15.61 13.38 -46.45
C ASP A 150 16.97 12.68 -46.28
N LYS A 151 16.98 11.35 -46.39
CA LYS A 151 18.20 10.54 -46.18
C LYS A 151 19.47 11.16 -46.79
N ASP A 152 19.35 11.78 -47.96
CA ASP A 152 20.42 12.63 -48.53
C ASP A 152 20.91 13.73 -47.58
N GLY A 153 19.96 14.56 -47.14
CA GLY A 153 20.26 15.84 -46.50
C GLY A 153 19.69 17.03 -47.27
N ASN A 154 18.91 16.76 -48.32
CA ASN A 154 18.17 17.81 -49.03
C ASN A 154 17.00 18.36 -48.23
N PRO A 155 16.60 19.62 -48.50
CA PRO A 155 15.42 20.17 -47.84
C PRO A 155 14.18 19.46 -48.33
N CYS A 156 13.27 19.15 -47.41
CA CYS A 156 11.99 18.55 -47.79
C CYS A 156 10.95 18.81 -46.71
N LYS A 157 9.77 18.22 -46.87
CA LYS A 157 8.73 18.26 -45.86
C LYS A 157 8.68 16.94 -45.10
N VAL A 158 8.35 17.02 -43.83
CA VAL A 158 8.28 15.86 -42.94
C VAL A 158 7.06 15.93 -42.03
N SER A 159 6.66 14.79 -41.49
CA SER A 159 5.51 14.73 -40.57
C SER A 159 5.86 15.26 -39.19
N LEU A 160 4.92 15.96 -38.57
CA LEU A 160 5.02 16.36 -37.15
C LEU A 160 4.73 15.16 -36.24
N GLU A 161 3.87 14.24 -36.69
CA GLU A 161 3.60 13.03 -35.94
C GLU A 161 4.95 12.34 -35.71
N SER A 162 5.61 11.97 -36.80
CA SER A 162 6.67 10.97 -36.76
C SER A 162 8.07 11.39 -37.20
N GLY A 163 8.17 12.47 -37.97
CA GLY A 163 9.46 12.92 -38.52
C GLY A 163 9.86 12.32 -39.88
N HIS A 164 9.09 11.37 -40.37
CA HIS A 164 9.37 10.77 -41.68
C HIS A 164 8.97 11.70 -42.81
N VAL A 165 9.56 11.49 -43.97
CA VAL A 165 9.31 12.33 -45.13
C VAL A 165 7.87 12.21 -45.61
N VAL A 166 7.29 13.33 -46.01
CA VAL A 166 5.94 13.36 -46.60
C VAL A 166 6.02 13.75 -48.07
N THR A 167 5.04 13.27 -48.83
CA THR A 167 4.92 13.58 -50.24
C THR A 167 3.49 14.03 -50.52
N TRP A 168 3.34 14.92 -51.49
CA TRP A 168 2.00 15.32 -51.94
C TRP A 168 1.44 14.24 -52.86
N VAL A 169 0.16 13.92 -52.70
CA VAL A 169 -0.52 12.89 -53.47
C VAL A 169 -1.73 13.54 -54.14
N SER A 170 -1.94 13.29 -55.42
CA SER A 170 -3.16 13.74 -56.12
C SER A 170 -3.73 12.59 -56.92
N GLU A 171 -4.66 11.86 -56.31
CA GLU A 171 -5.22 10.66 -56.91
C GLU A 171 -6.72 10.60 -56.77
N GLU A 172 -7.37 10.15 -57.84
CA GLU A 172 -8.73 9.69 -57.76
C GLU A 172 -8.78 8.42 -56.91
N ASN A 173 -9.47 8.47 -55.76
CA ASN A 173 -9.54 7.37 -54.82
C ASN A 173 -10.97 7.11 -54.37
N TYR A 174 -11.25 5.87 -53.99
CA TYR A 174 -12.45 5.53 -53.22
C TYR A 174 -12.32 6.15 -51.85
N MET A 175 -13.39 6.80 -51.40
CA MET A 175 -13.41 7.54 -50.15
C MET A 175 -14.43 6.93 -49.19
N PHE A 176 -14.03 6.79 -47.93
CA PHE A 176 -14.95 6.39 -46.87
C PHE A 176 -15.55 7.64 -46.23
N ARG A 177 -16.84 7.60 -45.96
CA ARG A 177 -17.55 8.77 -45.45
C ARG A 177 -17.37 8.99 -43.94
N LEU A 178 -16.12 9.12 -43.52
CA LEU A 178 -15.79 9.23 -42.11
C LEU A 178 -16.49 10.42 -41.46
N SER A 179 -16.59 11.52 -42.19
CA SER A 179 -17.24 12.73 -41.68
C SER A 179 -18.63 12.46 -41.12
N ALA A 180 -19.33 11.47 -41.68
CA ALA A 180 -20.69 11.12 -41.25
C ALA A 180 -20.73 10.39 -39.90
N PHE A 181 -19.57 9.98 -39.39
CA PHE A 181 -19.50 9.20 -38.15
C PHE A 181 -19.03 9.98 -36.91
N ARG A 182 -18.81 11.28 -37.04
CA ARG A 182 -18.35 12.12 -35.94
C ARG A 182 -19.28 12.07 -34.72
N GLU A 183 -20.57 12.33 -34.91
CA GLU A 183 -21.53 12.28 -33.80
C GLU A 183 -21.55 10.92 -33.09
N ARG A 184 -21.63 9.84 -33.86
CA ARG A 184 -21.71 8.50 -33.28
C ARG A 184 -20.44 8.11 -32.55
N LEU A 185 -19.28 8.53 -33.06
CA LEU A 185 -18.00 8.28 -32.39
C LEU A 185 -17.94 9.05 -31.07
N LEU A 186 -18.37 10.30 -31.08
CA LEU A 186 -18.42 11.08 -29.85
C LEU A 186 -19.38 10.45 -28.82
N GLU A 187 -20.55 9.98 -29.27
CA GLU A 187 -21.46 9.26 -28.37
C GLU A 187 -20.78 8.03 -27.80
N TRP A 188 -20.03 7.32 -28.63
CA TRP A 188 -19.35 6.13 -28.19
C TRP A 188 -18.32 6.44 -27.08
N TYR A 189 -17.46 7.43 -27.31
CA TYR A 189 -16.43 7.80 -26.34
C TYR A 189 -17.04 8.21 -24.99
N HIS A 190 -18.14 8.95 -25.05
CA HIS A 190 -18.76 9.46 -23.84
C HIS A 190 -19.55 8.41 -23.08
N ALA A 191 -20.16 7.47 -23.79
CA ALA A 191 -20.96 6.43 -23.15
C ALA A 191 -20.06 5.34 -22.59
N ASN A 192 -18.81 5.29 -23.04
CA ASN A 192 -17.87 4.28 -22.60
C ASN A 192 -16.56 4.95 -22.21
N PRO A 193 -16.58 5.67 -21.09
CA PRO A 193 -15.45 6.50 -20.70
C PRO A 193 -14.16 5.74 -20.36
N GLY A 194 -14.21 4.41 -20.27
CA GLY A 194 -13.01 3.61 -20.15
C GLY A 194 -12.54 2.93 -21.44
N CYS A 195 -13.16 3.25 -22.58
CA CYS A 195 -12.84 2.53 -23.79
C CYS A 195 -11.44 2.83 -24.34
N ILE A 196 -10.82 3.94 -23.91
CA ILE A 196 -9.47 4.26 -24.35
C ILE A 196 -8.60 4.58 -23.14
N VAL A 197 -7.51 3.84 -23.00
CA VAL A 197 -6.59 4.00 -21.89
C VAL A 197 -5.18 4.30 -22.44
N PRO A 198 -4.42 5.19 -21.81
CA PRO A 198 -4.81 5.92 -20.61
C PRO A 198 -5.70 7.12 -20.90
N GLU A 199 -6.25 7.68 -19.84
CA GLU A 199 -7.26 8.70 -19.93
C GLU A 199 -6.83 9.89 -20.80
N PHE A 200 -5.59 10.37 -20.64
CA PHE A 200 -5.13 11.53 -21.41
C PHE A 200 -5.10 11.25 -22.92
N ARG A 201 -4.93 9.99 -23.31
CA ARG A 201 -5.04 9.60 -24.72
C ARG A 201 -6.49 9.55 -25.15
N ARG A 202 -7.39 9.15 -24.26
CA ARG A 202 -8.81 9.21 -24.56
C ARG A 202 -9.24 10.65 -24.83
N ARG A 203 -8.85 11.57 -23.97
CA ARG A 203 -9.13 12.99 -24.16
C ARG A 203 -8.56 13.52 -25.46
N GLU A 204 -7.36 13.07 -25.83
CA GLU A 204 -6.74 13.49 -27.09
C GLU A 204 -7.60 13.11 -28.29
N VAL A 205 -8.10 11.88 -28.29
CA VAL A 205 -8.96 11.41 -29.37
C VAL A 205 -10.24 12.24 -29.44
N ILE A 206 -10.85 12.50 -28.30
CA ILE A 206 -12.09 13.24 -28.27
C ILE A 206 -11.90 14.65 -28.83
N ARG A 207 -10.87 15.36 -28.37
CA ARG A 207 -10.56 16.71 -28.88
C ARG A 207 -10.43 16.68 -30.40
N ALA A 208 -9.79 15.65 -30.93
CA ALA A 208 -9.56 15.53 -32.37
C ALA A 208 -10.86 15.36 -33.14
N VAL A 209 -11.71 14.45 -32.67
CA VAL A 209 -12.99 14.17 -33.33
C VAL A 209 -13.94 15.34 -33.20
N GLU A 210 -13.86 16.06 -32.08
CA GLU A 210 -14.66 17.28 -31.90
C GLU A 210 -14.35 18.32 -32.98
N LYS A 211 -13.07 18.49 -33.31
CA LYS A 211 -12.66 19.48 -34.31
C LYS A 211 -13.26 19.24 -35.69
N GLY A 212 -13.58 17.99 -35.99
CA GLY A 212 -14.25 17.63 -37.24
C GLY A 212 -13.48 16.53 -37.91
N LEU A 213 -14.14 15.78 -38.79
CA LEU A 213 -13.51 14.68 -39.50
C LEU A 213 -13.69 14.84 -40.98
N PRO A 214 -12.59 14.72 -41.74
CA PRO A 214 -12.70 14.60 -43.18
C PRO A 214 -13.02 13.15 -43.57
N ASP A 215 -13.50 12.97 -44.80
CA ASP A 215 -13.63 11.64 -45.38
C ASP A 215 -12.23 11.08 -45.58
N LEU A 216 -12.14 9.77 -45.71
CA LEU A 216 -10.86 9.09 -45.67
C LEU A 216 -10.68 8.31 -46.94
N SER A 217 -9.53 8.49 -47.58
CA SER A 217 -9.19 7.67 -48.72
C SER A 217 -8.92 6.22 -48.32
N VAL A 218 -9.71 5.30 -48.87
CA VAL A 218 -9.54 3.87 -48.59
C VAL A 218 -9.04 3.04 -49.78
N SER A 219 -8.70 3.71 -50.88
CA SER A 219 -8.07 3.04 -52.01
C SER A 219 -6.97 3.89 -52.62
N ARG A 220 -6.08 3.23 -53.32
CA ARG A 220 -5.02 3.93 -54.05
C ARG A 220 -4.89 3.29 -55.41
N ALA A 221 -4.40 4.08 -56.36
CA ALA A 221 -4.13 3.57 -57.70
C ALA A 221 -3.08 2.47 -57.60
N ARG A 222 -3.27 1.40 -58.35
CA ARG A 222 -2.43 0.21 -58.23
C ARG A 222 -0.94 0.43 -58.55
N ALA A 223 -0.63 1.32 -59.48
CA ALA A 223 0.76 1.64 -59.77
C ALA A 223 1.46 2.21 -58.54
N THR A 224 0.75 3.05 -57.79
CA THR A 224 1.32 3.71 -56.63
C THR A 224 1.85 2.73 -55.57
N LEU A 225 1.14 1.61 -55.40
CA LEU A 225 1.50 0.60 -54.39
C LEU A 225 2.32 -0.54 -55.00
N HIS A 226 2.85 -0.31 -56.20
CA HIS A 226 3.65 -1.31 -56.91
C HIS A 226 2.89 -2.64 -57.00
N ASN A 227 1.57 -2.54 -57.18
CA ASN A 227 0.67 -3.67 -57.29
C ASN A 227 0.78 -4.70 -56.17
N TRP A 228 1.10 -4.23 -54.96
CA TRP A 228 1.32 -5.11 -53.83
C TRP A 228 0.32 -4.80 -52.73
N ALA A 229 -0.90 -5.29 -52.96
CA ALA A 229 -2.04 -4.96 -52.13
C ALA A 229 -3.27 -5.74 -52.57
N ILE A 230 -4.35 -5.62 -51.82
CA ILE A 230 -5.59 -6.30 -52.13
C ILE A 230 -6.41 -5.47 -53.14
N PRO A 231 -6.82 -6.08 -54.26
CA PRO A 231 -7.66 -5.34 -55.20
C PRO A 231 -9.00 -4.93 -54.60
N VAL A 232 -9.50 -3.78 -55.02
CA VAL A 232 -10.84 -3.36 -54.68
C VAL A 232 -11.83 -4.25 -55.43
N PRO A 233 -12.84 -4.79 -54.72
CA PRO A 233 -13.89 -5.59 -55.37
C PRO A 233 -14.60 -4.85 -56.51
N GLY A 234 -14.60 -5.44 -57.70
CA GLY A 234 -15.21 -4.83 -58.87
C GLY A 234 -14.44 -3.67 -59.49
N ASN A 235 -13.21 -3.43 -59.05
CA ASN A 235 -12.35 -2.43 -59.68
C ASN A 235 -10.86 -2.75 -59.54
N PRO A 236 -10.32 -3.55 -60.47
CA PRO A 236 -8.91 -3.96 -60.51
C PRO A 236 -7.88 -2.84 -60.62
N ASP A 237 -8.30 -1.64 -61.01
CA ASP A 237 -7.39 -0.49 -61.09
C ASP A 237 -7.02 0.07 -59.72
N HIS A 238 -7.80 -0.27 -58.70
CA HIS A 238 -7.59 0.27 -57.36
C HIS A 238 -7.27 -0.84 -56.35
N VAL A 240 -6.98 -1.71 -52.04
CA VAL A 240 -7.47 -1.35 -50.73
C VAL A 240 -6.32 -0.81 -49.89
N TYR A 241 -6.53 0.41 -49.37
CA TYR A 241 -5.66 1.09 -48.39
C TYR A 241 -5.13 0.09 -47.43
N VAL A 242 -3.82 0.11 -47.20
CA VAL A 242 -3.20 -0.85 -46.32
C VAL A 242 -3.81 -0.83 -44.90
N TRP A 243 -4.36 0.30 -44.48
CA TRP A 243 -4.86 0.38 -43.10
C TRP A 243 -6.19 -0.35 -42.92
N LEU A 244 -7.12 -0.17 -43.87
CA LEU A 244 -8.40 -0.91 -43.87
C LEU A 244 -8.12 -2.42 -43.92
N ASP A 245 -7.18 -2.76 -44.78
CA ASP A 245 -6.62 -4.10 -44.93
C ASP A 245 -6.11 -4.55 -43.55
N ALA A 246 -5.21 -3.75 -42.98
CA ALA A 246 -4.53 -4.11 -41.73
C ALA A 246 -5.49 -4.21 -40.53
N LEU A 247 -6.34 -3.21 -40.36
CA LEU A 247 -7.26 -3.19 -39.22
C LEU A 247 -8.19 -4.39 -39.27
N THR A 248 -8.49 -4.83 -40.48
CA THR A 248 -9.42 -5.93 -40.65
C THR A 248 -8.85 -7.26 -40.11
N ASN A 249 -7.56 -7.33 -39.86
CA ASN A 249 -6.98 -8.56 -39.31
C ASN A 249 -7.70 -9.00 -38.04
N TYR A 250 -8.13 -8.02 -37.24
CA TYR A 250 -8.80 -8.33 -35.98
C TYR A 250 -10.07 -9.12 -36.25
N LEU A 251 -10.83 -8.69 -37.26
CA LEU A 251 -12.03 -9.40 -37.66
C LEU A 251 -11.71 -10.79 -38.22
N THR A 252 -10.74 -10.85 -39.14
CA THR A 252 -10.32 -12.13 -39.69
C THR A 252 -9.91 -13.12 -38.61
N GLY A 253 -9.07 -12.67 -37.67
CA GLY A 253 -8.60 -13.55 -36.59
C GLY A 253 -9.73 -14.08 -35.74
N SER A 254 -10.75 -13.25 -35.57
CA SER A 254 -11.90 -13.61 -34.77
C SER A 254 -12.72 -14.72 -35.44
N ARG A 255 -12.45 -14.96 -36.73
CA ARG A 255 -13.21 -15.94 -37.54
C ARG A 255 -12.44 -17.20 -37.99
N LEU A 256 -11.19 -17.36 -37.57
CA LEU A 256 -10.39 -18.53 -37.99
C LEU A 256 -10.41 -19.64 -36.95
N ARG A 257 -10.85 -20.83 -37.34
CA ARG A 257 -10.59 -22.03 -36.54
C ARG A 257 -9.11 -22.38 -36.69
N VAL A 258 -8.46 -22.64 -35.57
CA VAL A 258 -7.03 -22.90 -35.55
C VAL A 258 -6.77 -24.25 -34.89
N ASP A 259 -5.94 -25.09 -35.53
CA ASP A 259 -5.60 -26.41 -34.97
C ASP A 259 -4.60 -26.33 -33.81
N GLU A 260 -4.36 -27.46 -33.15
CA GLU A 260 -3.38 -27.55 -32.06
C GLU A 260 -1.96 -27.11 -32.49
N SER A 261 -1.61 -27.37 -33.74
CA SER A 261 -0.32 -26.98 -34.30
C SER A 261 -0.16 -25.46 -34.53
N GLY A 262 -1.27 -24.73 -34.64
CA GLY A 262 -1.24 -23.27 -34.81
C GLY A 262 -1.61 -22.78 -36.21
N LYS A 263 -1.75 -23.68 -37.18
CA LYS A 263 -2.14 -23.31 -38.54
C LYS A 263 -3.65 -23.05 -38.62
N GLU A 264 -4.02 -22.02 -39.39
CA GLU A 264 -5.41 -21.73 -39.74
C GLU A 264 -5.97 -22.86 -40.58
N VAL A 265 -7.14 -23.37 -40.20
CA VAL A 265 -7.75 -24.46 -40.98
C VAL A 265 -9.13 -24.13 -41.60
N SER A 266 -9.76 -23.04 -41.19
CA SER A 266 -11.11 -22.75 -41.63
C SER A 266 -11.51 -21.32 -41.31
N LEU A 267 -12.28 -20.69 -42.19
CA LEU A 267 -12.80 -19.35 -41.93
C LEU A 267 -14.31 -19.45 -41.81
N VAL A 268 -14.84 -19.20 -40.61
CA VAL A 268 -16.30 -19.22 -40.43
C VAL A 268 -16.96 -17.98 -41.01
N ASP A 269 -18.20 -18.11 -41.45
CA ASP A 269 -18.94 -17.02 -42.09
C ASP A 269 -19.36 -15.95 -41.09
N ASP A 270 -19.83 -16.42 -39.93
CA ASP A 270 -20.39 -15.56 -38.90
C ASP A 270 -19.41 -15.52 -37.71
N PHE A 271 -18.93 -14.32 -37.37
CA PHE A 271 -18.00 -14.16 -36.24
C PHE A 271 -18.52 -14.74 -34.92
N ASN A 272 -19.83 -14.65 -34.70
CA ASN A 272 -20.44 -15.18 -33.48
C ASN A 272 -20.21 -16.67 -33.26
N GLU A 273 -19.93 -17.41 -34.32
CA GLU A 273 -19.66 -18.84 -34.19
C GLU A 273 -18.49 -19.11 -33.24
N LEU A 274 -17.47 -18.25 -33.23
CA LEU A 274 -16.28 -18.45 -32.41
C LEU A 274 -16.22 -17.63 -31.12
N GLU A 275 -17.18 -16.71 -30.95
CA GLU A 275 -17.36 -15.96 -29.68
C GLU A 275 -16.17 -15.07 -29.30
N ARG A 276 -15.46 -14.54 -30.30
CA ARG A 276 -14.27 -13.69 -30.05
C ARG A 276 -14.52 -12.21 -30.33
N PHE A 277 -15.16 -11.90 -31.45
CA PHE A 277 -15.36 -10.52 -31.86
C PHE A 277 -16.49 -9.90 -31.01
N PRO A 278 -16.36 -8.63 -30.61
CA PRO A 278 -15.18 -7.79 -30.86
C PRO A 278 -14.11 -7.95 -29.80
N ALA A 279 -12.94 -7.37 -30.03
CA ALA A 279 -11.84 -7.44 -29.09
C ALA A 279 -12.23 -6.83 -27.76
N ASP A 280 -11.82 -7.50 -26.70
CA ASP A 280 -11.95 -6.97 -25.35
C ASP A 280 -10.82 -5.97 -25.06
N VAL A 281 -9.63 -6.24 -25.60
CA VAL A 281 -8.51 -5.31 -25.51
C VAL A 281 -7.69 -5.31 -26.80
N HIS A 282 -7.62 -4.15 -27.45
CA HIS A 282 -6.62 -3.91 -28.48
C HIS A 282 -5.38 -3.24 -27.86
N VAL A 283 -4.24 -3.93 -27.85
CA VAL A 283 -2.98 -3.30 -27.42
C VAL A 283 -2.32 -2.64 -28.63
N ILE A 284 -2.01 -1.35 -28.50
CA ILE A 284 -1.33 -0.60 -29.55
C ILE A 284 -0.31 0.35 -28.97
N GLY A 285 0.55 0.87 -29.82
CA GLY A 285 1.43 1.97 -29.44
C GLY A 285 0.71 3.29 -29.72
N LYS A 286 1.21 4.36 -29.12
CA LYS A 286 0.60 5.70 -29.26
C LYS A 286 0.61 6.20 -30.70
N ASP A 287 1.61 5.75 -31.45
CA ASP A 287 1.77 6.12 -32.86
C ASP A 287 0.60 5.72 -33.79
N ILE A 288 -0.25 4.77 -33.40
CA ILE A 288 -1.38 4.33 -34.26
C ILE A 288 -2.75 4.42 -33.59
N LEU A 289 -2.85 5.35 -32.65
CA LEU A 289 -4.10 5.56 -31.92
C LEU A 289 -5.24 6.02 -32.82
N LYS A 290 -4.98 6.91 -33.78
CA LYS A 290 -6.09 7.48 -34.55
C LYS A 290 -6.75 6.40 -35.36
N PHE A 291 -5.94 5.47 -35.87
CA PHE A 291 -6.45 4.44 -36.77
C PHE A 291 -7.37 3.47 -36.00
N HIS A 292 -7.02 3.20 -34.75
CA HIS A 292 -7.78 2.27 -33.90
C HIS A 292 -8.97 2.88 -33.18
N ALA A 293 -8.88 4.16 -32.82
CA ALA A 293 -9.92 4.80 -32.02
C ALA A 293 -10.89 5.62 -32.87
N ILE A 294 -10.53 5.88 -34.12
CA ILE A 294 -11.35 6.68 -35.02
C ILE A 294 -11.77 5.88 -36.24
N TYR A 295 -10.82 5.50 -37.09
CA TYR A 295 -11.15 4.81 -38.35
C TYR A 295 -11.82 3.46 -38.09
N TRP A 296 -11.14 2.63 -37.31
CA TRP A 296 -11.63 1.28 -37.01
C TRP A 296 -13.09 1.29 -36.53
N PRO A 297 -13.41 2.05 -35.46
CA PRO A 297 -14.81 2.03 -35.02
C PRO A 297 -15.80 2.61 -36.05
N ALA A 298 -15.36 3.58 -36.82
CA ALA A 298 -16.19 4.12 -37.91
C ALA A 298 -16.53 3.03 -38.95
N PHE A 299 -15.54 2.23 -39.33
CA PHE A 299 -15.77 1.11 -40.24
C PHE A 299 -16.78 0.11 -39.66
N LEU A 300 -16.63 -0.20 -38.37
CA LEU A 300 -17.46 -1.19 -37.70
C LEU A 300 -18.87 -0.67 -37.56
N LEU A 301 -18.98 0.61 -37.28
CA LEU A 301 -20.29 1.27 -37.22
C LEU A 301 -20.99 1.22 -38.58
N SER A 302 -20.25 1.46 -39.65
CA SER A 302 -20.81 1.38 -41.00
C SER A 302 -21.34 -0.02 -41.32
N ALA A 303 -20.57 -1.04 -40.94
CA ALA A 303 -20.89 -2.44 -41.25
C ALA A 303 -21.86 -3.09 -40.26
N GLY A 304 -22.27 -2.34 -39.25
CA GLY A 304 -23.15 -2.86 -38.21
C GLY A 304 -22.48 -3.88 -37.32
N LEU A 305 -21.15 -3.83 -37.23
CA LEU A 305 -20.40 -4.77 -36.39
C LEU A 305 -20.20 -4.17 -35.01
N PRO A 306 -20.03 -5.02 -33.98
CA PRO A 306 -19.84 -4.51 -32.62
C PRO A 306 -18.45 -3.89 -32.44
N LEU A 307 -18.38 -2.92 -31.52
CA LEU A 307 -17.15 -2.17 -31.28
C LEU A 307 -16.31 -2.82 -30.20
N PRO A 308 -14.99 -2.61 -30.25
CA PRO A 308 -14.15 -3.16 -29.19
C PRO A 308 -14.45 -2.51 -27.84
N LYS A 309 -14.11 -3.21 -26.76
CA LYS A 309 -14.38 -2.73 -25.42
C LYS A 309 -13.34 -1.72 -24.97
N LYS A 310 -12.06 -2.06 -25.19
CA LYS A 310 -10.94 -1.22 -24.76
C LYS A 310 -9.82 -1.19 -25.80
N ILE A 311 -9.27 0.00 -26.00
CA ILE A 311 -8.02 0.20 -26.70
C ILE A 311 -7.04 0.74 -25.67
N VAL A 312 -5.92 0.06 -25.48
CA VAL A 312 -4.88 0.56 -24.58
C VAL A 312 -3.67 0.93 -25.41
N ALA A 313 -3.22 2.18 -25.28
CA ALA A 313 -2.14 2.70 -26.09
C ALA A 313 -0.95 3.05 -25.20
N HIS A 314 0.14 2.31 -25.38
CA HIS A 314 1.30 2.44 -24.53
C HIS A 314 2.26 3.49 -25.07
N GLY A 315 3.24 3.79 -24.23
CA GLY A 315 3.99 5.00 -24.38
C GLY A 315 5.11 4.96 -25.37
N TRP A 316 5.41 3.81 -25.97
CA TRP A 316 6.45 3.84 -26.97
C TRP A 316 6.00 3.59 -28.43
N TRP A 317 6.64 4.30 -29.38
CA TRP A 317 6.40 4.09 -30.82
C TRP A 317 6.89 2.72 -31.25
N THR A 318 6.06 1.96 -31.96
CA THR A 318 6.41 0.60 -32.36
C THR A 318 7.04 0.55 -33.75
N LYS A 319 6.90 1.62 -34.53
CA LYS A 319 7.46 1.64 -35.89
C LYS A 319 8.94 2.03 -35.90
N VAL A 331 21.30 0.85 -29.55
CA VAL A 331 20.78 -0.44 -30.01
C VAL A 331 20.42 -1.34 -28.82
N PHE A 332 19.24 -1.95 -28.88
CA PHE A 332 18.67 -2.71 -27.76
C PHE A 332 17.98 -3.99 -28.25
N ASP A 333 18.68 -5.12 -28.16
CA ASP A 333 18.18 -6.42 -28.65
C ASP A 333 17.58 -7.24 -27.50
N PRO A 334 16.26 -7.44 -27.52
CA PRO A 334 15.63 -8.09 -26.37
C PRO A 334 16.03 -9.55 -26.20
N VAL A 335 16.24 -10.28 -27.29
CA VAL A 335 16.67 -11.67 -27.20
C VAL A 335 18.05 -11.74 -26.52
N GLU A 336 18.94 -10.82 -26.91
CA GLU A 336 20.28 -10.76 -26.36
C GLU A 336 20.29 -10.45 -24.86
N LYS A 337 19.49 -9.47 -24.44
CA LYS A 337 19.39 -9.12 -23.03
C LYS A 337 18.73 -10.22 -22.21
N ALA A 338 17.78 -10.92 -22.81
CA ALA A 338 17.11 -12.05 -22.14
C ALA A 338 18.08 -13.20 -21.89
N GLU A 339 18.97 -13.46 -22.86
CA GLU A 339 20.02 -14.45 -22.68
C GLU A 339 21.00 -14.04 -21.58
N GLU A 340 21.21 -12.74 -21.40
CA GLU A 340 22.10 -12.23 -20.36
C GLU A 340 21.47 -12.19 -18.97
N PHE A 341 20.23 -11.71 -18.87
CA PHE A 341 19.61 -11.46 -17.57
C PHE A 341 18.47 -12.42 -17.24
N GLY A 342 18.06 -13.23 -18.20
CA GLY A 342 16.88 -14.10 -18.05
C GLY A 342 15.66 -13.52 -18.75
N TYR A 343 14.81 -14.39 -19.28
CA TYR A 343 13.64 -13.97 -20.05
C TYR A 343 12.55 -13.33 -19.19
N ASP A 344 12.15 -14.04 -18.14
CA ASP A 344 11.15 -13.50 -17.22
C ASP A 344 11.61 -12.20 -16.60
N ALA A 345 12.89 -12.12 -16.27
CA ALA A 345 13.48 -10.91 -15.67
C ALA A 345 13.30 -9.71 -16.59
N LEU A 346 13.69 -9.89 -17.85
CA LEU A 346 13.56 -8.84 -18.84
C LEU A 346 12.10 -8.42 -19.02
N LYS A 347 11.21 -9.40 -19.07
CA LYS A 347 9.81 -9.10 -19.20
C LYS A 347 9.35 -8.29 -18.01
N TYR A 348 9.72 -8.73 -16.82
CA TYR A 348 9.42 -7.99 -15.60
C TYR A 348 9.91 -6.56 -15.70
N PHE A 349 11.15 -6.39 -16.12
CA PHE A 349 11.71 -5.05 -16.21
C PHE A 349 10.90 -4.15 -17.15
N LEU A 350 10.62 -4.64 -18.36
CA LEU A 350 9.94 -3.84 -19.37
C LEU A 350 8.56 -3.40 -18.91
N LEU A 351 7.88 -4.27 -18.17
CA LEU A 351 6.54 -4.01 -17.70
C LEU A 351 6.51 -3.20 -16.42
N ARG A 352 7.58 -3.29 -15.63
CA ARG A 352 7.66 -2.57 -14.36
C ARG A 352 8.28 -1.18 -14.52
N GLU A 353 9.24 -1.05 -15.44
CA GLU A 353 9.98 0.19 -15.57
C GLU A 353 9.16 1.33 -16.18
N SER A 354 8.24 1.00 -17.07
CA SER A 354 7.53 2.01 -17.84
C SER A 354 6.04 1.89 -17.65
N GLY A 355 5.41 2.99 -17.31
CA GLY A 355 3.98 3.08 -17.39
C GLY A 355 3.74 3.68 -18.75
N PHE A 356 2.70 4.48 -18.88
CA PHE A 356 2.32 5.07 -20.17
C PHE A 356 3.13 6.34 -20.46
N SER A 357 4.43 6.14 -20.62
CA SER A 357 5.37 7.22 -20.91
C SER A 357 6.67 6.70 -21.55
N ASP A 358 7.44 7.63 -22.11
CA ASP A 358 8.80 7.35 -22.55
C ASP A 358 9.79 7.56 -21.40
N ASP A 359 9.28 7.90 -20.21
CA ASP A 359 10.13 8.35 -19.12
C ASP A 359 10.78 7.19 -18.34
N GLY A 360 10.82 6.00 -18.95
CA GLY A 360 11.54 4.86 -18.38
C GLY A 360 13.05 4.88 -18.56
N ASP A 361 13.76 4.37 -17.54
CA ASP A 361 15.21 4.31 -17.54
C ASP A 361 15.57 2.86 -17.90
N TYR A 362 16.02 2.66 -19.15
CA TYR A 362 16.23 1.34 -19.73
C TYR A 362 17.69 0.84 -19.76
N SER A 363 18.53 1.41 -18.91
CA SER A 363 19.94 1.07 -18.88
C SER A 363 20.23 -0.27 -18.20
N ASP A 364 21.43 -0.80 -18.41
CA ASP A 364 21.88 -2.00 -17.70
C ASP A 364 21.92 -1.75 -16.19
N LYS A 365 22.35 -0.56 -15.78
CA LYS A 365 22.39 -0.18 -14.37
C LYS A 365 21.01 -0.42 -13.73
N ASN A 366 19.98 0.15 -14.34
CA ASN A 366 18.64 -0.02 -13.79
C ASN A 366 18.05 -1.42 -13.91
N MET A 367 18.40 -2.12 -14.97
CA MET A 367 17.98 -3.52 -15.15
C MET A 367 18.50 -4.37 -14.02
N ILE A 368 19.81 -4.24 -13.76
CA ILE A 368 20.46 -4.94 -12.68
C ILE A 368 19.91 -4.49 -11.32
N ALA A 369 19.67 -3.19 -11.18
CA ALA A 369 19.09 -2.65 -9.94
C ALA A 369 17.77 -3.33 -9.61
N ARG A 370 16.87 -3.44 -10.58
CA ARG A 370 15.58 -4.09 -10.38
C ARG A 370 15.71 -5.61 -10.23
N LEU A 371 16.58 -6.21 -11.03
CA LEU A 371 16.86 -7.63 -10.90
C LEU A 371 17.31 -7.95 -9.47
N ASN A 372 18.35 -7.26 -9.00
CA ASN A 372 18.89 -7.49 -7.67
C ASN A 372 17.91 -7.12 -6.56
N GLY A 373 17.32 -5.92 -6.65
CA GLY A 373 16.49 -5.37 -5.58
C GLY A 373 15.12 -6.01 -5.41
N GLU A 374 14.38 -6.13 -6.50
CA GLU A 374 13.01 -6.61 -6.44
C GLU A 374 12.95 -8.13 -6.65
N LEU A 375 13.53 -8.62 -7.73
CA LEU A 375 13.44 -10.04 -8.09
C LEU A 375 14.24 -10.96 -7.17
N ALA A 376 15.51 -10.63 -6.92
CA ALA A 376 16.35 -11.46 -6.06
C ALA A 376 16.12 -11.16 -4.57
N ASP A 377 16.31 -9.90 -4.18
CA ASP A 377 16.25 -9.51 -2.76
C ASP A 377 14.88 -9.61 -2.15
N THR A 378 13.85 -9.19 -2.88
CA THR A 378 12.51 -9.15 -2.32
C THR A 378 11.85 -10.50 -2.54
N LEU A 379 11.73 -10.92 -3.79
CA LEU A 379 10.98 -12.13 -4.12
C LEU A 379 11.79 -13.42 -3.90
N GLY A 380 12.94 -13.51 -4.53
CA GLY A 380 13.75 -14.71 -4.49
C GLY A 380 14.20 -15.08 -3.09
N ASN A 381 14.68 -14.07 -2.35
CA ASN A 381 15.13 -14.25 -0.98
C ASN A 381 14.04 -14.85 -0.09
N LEU A 382 12.83 -14.37 -0.30
CA LEU A 382 11.67 -14.77 0.48
C LEU A 382 11.29 -16.20 0.21
N VAL A 383 11.38 -16.60 -1.06
CA VAL A 383 11.09 -17.97 -1.47
C VAL A 383 12.05 -18.95 -0.80
N MET A 384 13.33 -18.60 -0.76
CA MET A 384 14.35 -19.47 -0.17
C MET A 384 14.17 -19.53 1.35
N ARG A 385 13.86 -18.40 1.97
CA ARG A 385 13.60 -18.35 3.42
C ARG A 385 12.53 -19.33 3.87
N CYS A 386 11.39 -19.33 3.19
CA CYS A 386 10.24 -20.11 3.65
C CYS A 386 10.32 -21.57 3.21
N THR A 387 11.25 -21.88 2.31
CA THR A 387 11.50 -23.26 1.89
C THR A 387 12.80 -23.84 2.47
N SER A 388 13.64 -22.98 3.04
CA SER A 388 14.91 -23.39 3.67
C SER A 388 14.79 -24.56 4.65
N ALA A 389 15.77 -25.45 4.63
CA ALA A 389 15.84 -26.57 5.59
C ALA A 389 16.05 -26.10 7.03
N LYS A 390 16.75 -24.97 7.21
CA LYS A 390 17.00 -24.40 8.54
C LYS A 390 15.69 -23.98 9.21
N ILE A 391 14.86 -23.27 8.45
CA ILE A 391 13.62 -22.69 8.99
C ILE A 391 12.43 -23.65 8.86
N ASN A 392 12.24 -24.17 7.65
CA ASN A 392 11.19 -25.15 7.36
C ASN A 392 11.77 -26.55 7.50
N VAL A 393 11.86 -27.02 8.74
CA VAL A 393 12.65 -28.23 9.03
C VAL A 393 11.91 -29.51 8.59
N ASN A 394 10.58 -29.47 8.58
CA ASN A 394 9.79 -30.61 8.12
C ASN A 394 9.53 -30.66 6.62
N GLY A 395 9.92 -29.60 5.89
CA GLY A 395 9.70 -29.51 4.46
C GLY A 395 8.24 -29.68 4.09
N GLU A 396 7.38 -28.88 4.72
CA GLU A 396 5.94 -28.97 4.49
C GLU A 396 5.25 -27.66 4.85
N TRP A 397 4.01 -27.52 4.43
CA TRP A 397 3.17 -26.43 4.87
C TRP A 397 2.69 -26.75 6.29
N PRO A 398 3.12 -25.95 7.29
CA PRO A 398 2.68 -26.24 8.62
C PRO A 398 1.27 -25.75 8.90
N SER A 399 0.69 -26.25 9.98
CA SER A 399 -0.65 -25.92 10.39
C SER A 399 -0.55 -24.76 11.39
N PRO A 400 -1.13 -23.61 11.03
CA PRO A 400 -0.91 -22.43 11.88
C PRO A 400 -1.61 -22.55 13.23
N ALA A 401 -1.02 -21.93 14.26
CA ALA A 401 -1.70 -21.75 15.55
C ALA A 401 -2.51 -20.45 15.50
N ALA A 402 -2.87 -19.92 16.66
CA ALA A 402 -3.65 -18.67 16.73
C ALA A 402 -2.91 -17.48 16.11
N TYR A 403 -3.67 -16.56 15.54
CA TYR A 403 -3.12 -15.38 14.87
C TYR A 403 -3.10 -14.14 15.78
N THR A 404 -1.95 -13.47 15.82
CA THR A 404 -1.81 -12.16 16.47
C THR A 404 -2.35 -11.06 15.55
N GLU A 405 -2.52 -9.85 16.08
CA GLU A 405 -2.92 -8.71 15.25
C GLU A 405 -1.93 -8.42 14.13
N GLU A 406 -0.64 -8.60 14.41
CA GLU A 406 0.36 -8.44 13.37
C GLU A 406 0.22 -9.51 12.29
N ASP A 407 -0.11 -10.74 12.68
CA ASP A 407 -0.40 -11.80 11.71
C ASP A 407 -1.58 -11.38 10.84
N GLU A 408 -2.64 -10.92 11.48
CA GLU A 408 -3.85 -10.58 10.78
C GLU A 408 -3.67 -9.37 9.88
N SER A 409 -2.79 -8.43 10.24
CA SER A 409 -2.54 -7.27 9.39
C SER A 409 -1.96 -7.75 8.06
N LEU A 410 -0.99 -8.67 8.13
CA LEU A 410 -0.36 -9.21 6.92
C LEU A 410 -1.35 -10.02 6.09
N ILE A 411 -2.14 -10.85 6.77
CA ILE A 411 -3.15 -11.69 6.14
C ILE A 411 -4.17 -10.84 5.37
N GLN A 412 -4.58 -9.74 5.98
CA GLN A 412 -5.53 -8.85 5.35
C GLN A 412 -4.97 -8.33 4.02
N LEU A 413 -3.70 -7.96 4.02
CA LEU A 413 -3.06 -7.48 2.79
C LEU A 413 -3.09 -8.55 1.69
N ILE A 414 -2.80 -9.79 2.08
CA ILE A 414 -2.76 -10.89 1.16
C ILE A 414 -4.16 -11.19 0.61
N LYS A 415 -5.15 -11.10 1.49
CA LYS A 415 -6.53 -11.30 1.08
C LYS A 415 -7.01 -10.21 0.15
N ASP A 416 -6.60 -8.98 0.41
CA ASP A 416 -7.06 -7.85 -0.40
C ASP A 416 -6.33 -7.78 -1.74
N LEU A 417 -5.18 -8.44 -1.85
CA LEU A 417 -4.32 -8.29 -3.04
C LEU A 417 -4.97 -8.70 -4.37
N PRO A 418 -5.60 -9.89 -4.42
CA PRO A 418 -6.22 -10.29 -5.69
C PRO A 418 -7.24 -9.30 -6.25
N GLY A 419 -8.08 -8.73 -5.39
CA GLY A 419 -9.07 -7.77 -5.88
C GLY A 419 -8.42 -6.54 -6.47
N THR A 420 -7.33 -6.11 -5.82
CA THR A 420 -6.63 -4.92 -6.20
C THR A 420 -5.87 -5.17 -7.51
N ALA A 421 -5.17 -6.28 -7.56
CA ALA A 421 -4.43 -6.66 -8.76
C ALA A 421 -5.36 -6.91 -9.94
N ASP A 422 -6.50 -7.55 -9.69
CA ASP A 422 -7.50 -7.77 -10.72
C ASP A 422 -7.93 -6.47 -11.40
N HIS A 423 -8.29 -5.47 -10.61
CA HIS A 423 -8.72 -4.21 -11.17
C HIS A 423 -7.65 -3.62 -12.08
N TYR A 424 -6.40 -3.68 -11.63
CA TYR A 424 -5.29 -3.11 -12.39
C TYR A 424 -5.10 -3.85 -13.71
N TYR A 425 -5.06 -5.17 -13.66
CA TYR A 425 -4.97 -5.98 -14.86
C TYR A 425 -6.10 -5.67 -15.87
N LEU A 426 -7.28 -5.32 -15.36
CA LEU A 426 -8.42 -5.04 -16.22
C LEU A 426 -8.49 -3.64 -16.82
N ILE A 427 -7.70 -2.71 -16.30
CA ILE A 427 -7.75 -1.34 -16.77
C ILE A 427 -7.49 -1.20 -18.28
N PRO A 428 -6.35 -1.69 -18.79
CA PRO A 428 -5.31 -2.43 -18.03
C PRO A 428 -4.09 -1.57 -17.69
N ASP A 429 -3.47 -1.86 -16.56
CA ASP A 429 -2.28 -1.12 -16.10
C ASP A 429 -1.40 -2.14 -15.40
N ILE A 430 -0.55 -2.78 -16.17
CA ILE A 430 0.26 -3.88 -15.68
C ILE A 430 1.35 -3.41 -14.72
N GLN A 431 1.88 -2.22 -14.95
CA GLN A 431 2.83 -1.64 -14.02
C GLN A 431 2.24 -1.58 -12.60
N LYS A 432 1.01 -1.06 -12.49
CA LYS A 432 0.39 -0.92 -11.18
C LYS A 432 0.06 -2.26 -10.53
N ALA A 433 -0.27 -3.24 -11.35
CA ALA A 433 -0.52 -4.57 -10.82
C ALA A 433 0.76 -5.13 -10.20
N ILE A 434 1.89 -4.92 -10.88
CA ILE A 434 3.17 -5.41 -10.37
C ILE A 434 3.50 -4.72 -9.06
N ILE A 435 3.35 -3.40 -9.04
CA ILE A 435 3.68 -2.62 -7.87
C ILE A 435 2.84 -3.08 -6.69
N ALA A 436 1.58 -3.40 -6.94
CA ALA A 436 0.69 -3.83 -5.88
C ALA A 436 1.14 -5.16 -5.28
N VAL A 437 1.55 -6.09 -6.14
CA VAL A 437 2.02 -7.36 -5.64
C VAL A 437 3.30 -7.16 -4.82
N PHE A 438 4.22 -6.36 -5.35
CA PHE A 438 5.48 -6.17 -4.66
C PHE A 438 5.36 -5.38 -3.36
N ASP A 439 4.31 -4.56 -3.23
CA ASP A 439 4.00 -3.91 -1.96
C ASP A 439 3.74 -4.97 -0.90
N VAL A 440 3.02 -6.02 -1.29
CA VAL A 440 2.72 -7.12 -0.39
C VAL A 440 3.95 -7.97 -0.13
N LEU A 441 4.81 -8.12 -1.14
CA LEU A 441 6.04 -8.87 -0.94
C LEU A 441 6.95 -8.15 0.04
N ARG A 442 7.06 -6.83 -0.09
CA ARG A 442 7.85 -6.05 0.85
C ARG A 442 7.28 -6.23 2.27
N ALA A 443 5.96 -6.19 2.39
CA ALA A 443 5.31 -6.37 3.68
C ALA A 443 5.57 -7.75 4.32
N ILE A 444 5.60 -8.79 3.49
CA ILE A 444 5.90 -10.13 3.97
C ILE A 444 7.35 -10.20 4.48
N ASN A 445 8.29 -9.58 3.76
CA ASN A 445 9.68 -9.56 4.19
C ASN A 445 9.82 -8.88 5.54
N ALA A 446 9.16 -7.75 5.69
CA ALA A 446 9.15 -7.00 6.95
C ALA A 446 8.63 -7.87 8.11
N TYR A 447 7.53 -8.58 7.86
CA TYR A 447 6.95 -9.49 8.83
C TYR A 447 7.98 -10.55 9.25
N VAL A 448 8.60 -11.19 8.25
CA VAL A 448 9.60 -12.22 8.47
C VAL A 448 10.78 -11.68 9.29
N THR A 449 11.21 -10.47 8.97
CA THR A 449 12.28 -9.82 9.72
C THR A 449 11.85 -9.58 11.18
N ASP A 450 10.63 -9.11 11.40
CA ASP A 450 10.14 -8.90 12.77
C ASP A 450 9.98 -10.19 13.55
N MET A 451 9.54 -11.26 12.89
CA MET A 451 9.26 -12.52 13.58
C MET A 451 10.50 -13.37 13.73
N ALA A 452 11.50 -13.16 12.88
CA ALA A 452 12.78 -13.86 12.99
C ALA A 452 12.62 -15.39 13.11
N PRO A 453 11.94 -16.02 12.12
CA PRO A 453 11.59 -17.44 12.21
C PRO A 453 12.79 -18.36 12.46
N TRP A 454 13.95 -17.98 11.93
CA TRP A 454 15.20 -18.70 12.21
C TRP A 454 15.44 -18.89 13.71
N LYS A 455 15.16 -17.87 14.51
CA LYS A 455 15.28 -17.98 15.98
C LYS A 455 14.16 -18.84 16.61
N LEU A 456 12.97 -18.79 16.01
CA LEU A 456 11.81 -19.51 16.54
C LEU A 456 11.94 -21.02 16.45
N VAL A 457 12.76 -21.54 15.55
CA VAL A 457 12.94 -22.98 15.42
C VAL A 457 13.40 -23.60 16.74
N LYS A 458 14.26 -22.90 17.48
CA LYS A 458 14.73 -23.35 18.80
C LYS A 458 13.83 -22.87 19.94
N THR A 459 13.31 -21.65 19.83
CA THR A 459 12.60 -20.98 20.93
C THR A 459 11.10 -21.31 21.05
N ASP A 460 10.37 -21.17 19.94
CA ASP A 460 8.92 -21.29 19.96
C ASP A 460 8.42 -21.95 18.65
N PRO A 461 8.46 -23.29 18.61
CA PRO A 461 8.02 -24.03 17.42
C PRO A 461 6.54 -23.82 17.05
N GLU A 462 5.67 -23.70 18.06
CA GLU A 462 4.24 -23.46 17.83
C GLU A 462 4.03 -22.12 17.12
N ARG A 463 4.78 -21.10 17.55
CA ARG A 463 4.72 -19.79 16.91
C ARG A 463 5.26 -19.83 15.48
N LEU A 464 6.37 -20.55 15.27
CA LEU A 464 6.95 -20.71 13.94
C LEU A 464 5.96 -21.28 12.93
N ARG A 465 5.17 -22.26 13.34
CA ARG A 465 4.13 -22.83 12.47
C ARG A 465 3.29 -21.73 11.84
N THR A 466 2.81 -20.83 12.69
CA THR A 466 1.95 -19.75 12.27
C THR A 466 2.69 -18.81 11.29
N VAL A 467 3.91 -18.44 11.66
CA VAL A 467 4.72 -17.48 10.87
C VAL A 467 5.06 -18.04 9.51
N LEU A 468 5.48 -19.30 9.52
CA LEU A 468 5.89 -19.99 8.31
C LEU A 468 4.70 -20.15 7.38
N TYR A 469 3.55 -20.51 7.94
CA TYR A 469 2.36 -20.73 7.13
C TYR A 469 1.90 -19.46 6.41
N ILE A 470 1.86 -18.36 7.14
CA ILE A 470 1.48 -17.08 6.55
C ILE A 470 2.46 -16.71 5.45
N THR A 471 3.74 -16.91 5.71
CA THR A 471 4.78 -16.56 4.74
C THR A 471 4.57 -17.36 3.46
N LEU A 472 4.53 -18.68 3.59
CA LEU A 472 4.29 -19.57 2.45
C LEU A 472 3.07 -19.14 1.65
N GLU A 473 1.98 -18.84 2.35
CA GLU A 473 0.74 -18.50 1.68
C GLU A 473 0.86 -17.17 0.97
N GLY A 474 1.50 -16.20 1.60
CA GLY A 474 1.76 -14.92 0.96
C GLY A 474 2.56 -15.10 -0.32
N VAL A 475 3.59 -15.92 -0.26
CA VAL A 475 4.43 -16.19 -1.42
C VAL A 475 3.61 -16.83 -2.53
N ARG A 476 2.81 -17.85 -2.20
CA ARG A 476 1.96 -18.50 -3.20
C ARG A 476 1.04 -17.51 -3.91
N VAL A 477 0.34 -16.69 -3.14
CA VAL A 477 -0.66 -15.78 -3.70
C VAL A 477 -0.02 -14.68 -4.55
N THR A 478 1.08 -14.10 -4.07
CA THR A 478 1.79 -13.09 -4.84
C THR A 478 2.36 -13.70 -6.11
N THR A 479 2.85 -14.92 -6.01
CA THR A 479 3.39 -15.65 -7.16
C THR A 479 2.30 -15.93 -8.18
N LEU A 480 1.13 -16.33 -7.71
CA LEU A 480 0.00 -16.58 -8.60
C LEU A 480 -0.30 -15.33 -9.41
N LEU A 481 -0.43 -14.19 -8.75
CA LEU A 481 -0.75 -12.95 -9.46
C LEU A 481 0.41 -12.42 -10.31
N LEU A 482 1.63 -12.85 -10.01
CA LEU A 482 2.78 -12.52 -10.83
C LEU A 482 3.03 -13.52 -11.97
N SER A 483 2.26 -14.61 -12.03
CA SER A 483 2.53 -15.65 -13.03
C SER A 483 2.40 -15.22 -14.49
N PRO A 484 1.52 -14.25 -14.80
CA PRO A 484 1.52 -13.74 -16.18
C PRO A 484 2.78 -12.92 -16.54
N ILE A 485 3.46 -12.36 -15.55
CA ILE A 485 4.70 -11.59 -15.76
C ILE A 485 5.93 -12.50 -15.76
N LEU A 486 5.91 -13.51 -14.91
CA LEU A 486 7.05 -14.41 -14.72
C LEU A 486 6.58 -15.85 -14.93
N PRO A 487 6.21 -16.19 -16.18
CA PRO A 487 5.54 -17.46 -16.42
C PRO A 487 6.39 -18.69 -16.08
N ARG A 488 7.69 -18.64 -16.35
CA ARG A 488 8.60 -19.77 -16.06
C ARG A 488 9.00 -19.81 -14.59
N LYS A 489 9.42 -18.67 -14.06
CA LYS A 489 9.86 -18.59 -12.67
C LYS A 489 8.74 -18.90 -11.70
N SER A 490 7.51 -18.55 -12.06
CA SER A 490 6.36 -18.86 -11.21
C SER A 490 6.22 -20.37 -11.06
N VAL A 491 6.45 -21.09 -12.14
CA VAL A 491 6.38 -22.55 -12.12
C VAL A 491 7.48 -23.10 -11.20
N VAL A 492 8.68 -22.54 -11.31
CA VAL A 492 9.78 -22.96 -10.44
C VAL A 492 9.39 -22.72 -8.98
N ILE A 493 8.81 -21.55 -8.71
CA ILE A 493 8.44 -21.20 -7.34
C ILE A 493 7.40 -22.19 -6.80
N PHE A 494 6.34 -22.40 -7.55
CA PHE A 494 5.32 -23.33 -7.12
C PHE A 494 5.89 -24.74 -6.90
N ASP A 495 6.79 -25.17 -7.77
CA ASP A 495 7.45 -26.49 -7.62
C ASP A 495 8.19 -26.56 -6.29
N MET A 496 8.89 -25.48 -5.92
CA MET A 496 9.58 -25.42 -4.65
C MET A 496 8.60 -25.49 -3.48
N LEU A 497 7.52 -24.73 -3.58
CA LEU A 497 6.49 -24.71 -2.55
C LEU A 497 5.68 -25.99 -2.54
N GLY A 498 5.78 -26.78 -3.60
CA GLY A 498 5.05 -28.03 -3.72
C GLY A 498 3.57 -27.82 -3.92
N VAL A 499 3.19 -26.70 -4.54
CA VAL A 499 1.80 -26.38 -4.81
C VAL A 499 1.29 -27.29 -5.91
N PRO A 500 0.22 -28.05 -5.64
CA PRO A 500 -0.32 -28.89 -6.71
C PRO A 500 -0.80 -28.08 -7.93
N GLU A 501 -0.66 -28.69 -9.12
CA GLU A 501 -1.03 -28.03 -10.39
C GLU A 501 -2.39 -27.35 -10.35
N VAL A 502 -3.38 -28.06 -9.84
CA VAL A 502 -4.76 -27.56 -9.77
C VAL A 502 -4.87 -26.21 -9.06
N HIS A 503 -3.99 -25.96 -8.09
CA HIS A 503 -4.02 -24.73 -7.32
C HIS A 503 -3.21 -23.60 -7.96
N ARG A 504 -2.72 -23.79 -9.19
CA ARG A 504 -1.87 -22.79 -9.86
C ARG A 504 -2.66 -21.91 -10.83
N LYS A 505 -3.98 -22.06 -10.79
CA LYS A 505 -4.85 -21.50 -11.78
C LYS A 505 -6.21 -21.34 -11.15
N GLY A 506 -7.03 -20.44 -11.66
CA GLY A 506 -8.44 -20.37 -11.25
C GLY A 506 -8.67 -19.41 -10.10
N ILE A 507 -9.75 -18.64 -10.19
CA ILE A 507 -10.02 -17.61 -9.19
C ILE A 507 -10.23 -18.17 -7.80
N GLU A 508 -10.64 -19.44 -7.72
CA GLU A 508 -10.83 -20.09 -6.42
C GLU A 508 -9.54 -20.07 -5.64
N ASN A 509 -8.41 -20.11 -6.36
CA ASN A 509 -7.11 -20.18 -5.73
C ASN A 509 -6.47 -18.81 -5.48
N PHE A 510 -7.16 -17.74 -5.85
CA PHE A 510 -6.83 -16.40 -5.40
C PHE A 510 -7.06 -16.27 -3.88
N GLU A 511 -7.95 -17.09 -3.32
CA GLU A 511 -8.32 -17.01 -1.91
C GLU A 511 -7.26 -17.53 -0.98
N PHE A 512 -7.17 -16.87 0.18
CA PHE A 512 -6.22 -17.20 1.22
C PHE A 512 -6.53 -18.57 1.81
N GLY A 513 -5.50 -19.40 1.91
CA GLY A 513 -5.62 -20.72 2.54
C GLY A 513 -6.00 -21.88 1.64
N ALA A 514 -5.94 -21.69 0.32
CA ALA A 514 -6.41 -22.70 -0.64
C ALA A 514 -5.53 -23.93 -0.70
N VAL A 515 -4.31 -23.81 -0.22
CA VAL A 515 -3.40 -24.95 -0.15
C VAL A 515 -3.35 -25.42 1.30
N PRO A 516 -3.78 -26.65 1.53
CA PRO A 516 -3.90 -27.13 2.90
C PRO A 516 -2.56 -27.45 3.58
N PRO A 517 -2.49 -27.26 4.91
CA PRO A 517 -1.32 -27.70 5.66
C PRO A 517 -1.06 -29.19 5.49
N GLY A 518 0.21 -29.57 5.54
CA GLY A 518 0.62 -30.95 5.30
C GLY A 518 1.09 -31.19 3.88
N THR A 519 0.83 -30.25 2.97
CA THR A 519 1.39 -30.29 1.62
C THR A 519 2.91 -30.28 1.70
N ARG A 520 3.55 -31.19 0.99
CA ARG A 520 4.99 -31.32 1.04
C ARG A 520 5.64 -30.40 0.02
N LEU A 521 6.77 -29.83 0.38
CA LEU A 521 7.57 -29.01 -0.54
C LEU A 521 8.18 -29.91 -1.60
N GLY A 522 8.61 -29.31 -2.70
CA GLY A 522 9.29 -30.05 -3.75
C GLY A 522 10.73 -30.26 -3.36
N PRO A 523 11.41 -31.22 -3.99
CA PRO A 523 12.84 -31.40 -3.67
C PRO A 523 13.67 -30.17 -4.02
N ALA A 524 14.79 -30.00 -3.32
CA ALA A 524 15.76 -28.93 -3.61
C ALA A 524 16.90 -29.50 -4.46
N VAL A 525 17.70 -28.65 -5.11
CA VAL A 525 18.76 -29.13 -6.03
C VAL A 525 20.17 -28.84 -5.47
N GLU A 528 21.58 -23.87 -6.77
CA GLU A 528 20.19 -23.77 -7.21
C GLU A 528 19.55 -22.47 -6.73
N VAL A 529 19.61 -21.45 -7.57
CA VAL A 529 19.05 -20.14 -7.26
C VAL A 529 17.87 -19.83 -8.18
N LEU A 530 17.06 -18.88 -7.75
CA LEU A 530 15.88 -18.45 -8.48
C LEU A 530 16.22 -17.29 -9.42
N PHE A 531 16.78 -16.23 -8.84
CA PHE A 531 17.33 -15.10 -9.60
C PHE A 531 18.73 -14.82 -9.08
N SER A 532 19.73 -14.95 -9.94
CA SER A 532 21.11 -14.70 -9.56
C SER A 532 21.46 -13.22 -9.70
N LYS A 533 22.03 -12.64 -8.65
CA LYS A 533 22.37 -11.22 -8.64
C LYS A 533 23.56 -10.97 -9.55
N ARG A 534 23.74 -9.72 -9.97
CA ARG A 534 24.80 -9.37 -10.93
C ARG A 534 25.66 -8.20 -10.48
N SER A 535 26.90 -8.21 -10.94
CA SER A 535 27.89 -7.17 -10.61
C SER A 535 27.35 -5.75 -10.83
N THR A 536 27.49 -4.89 -9.81
CA THR A 536 26.92 -3.53 -9.83
C THR A 536 27.63 -2.59 -10.80
N GLY B 1 -11.44 -5.77 2.92
CA GLY B 1 -11.98 -6.72 3.93
C GLY B 1 -12.48 -5.97 5.16
N PRO B 2 -13.54 -6.48 5.80
CA PRO B 2 -13.98 -5.89 7.07
C PRO B 2 -12.89 -5.89 8.13
N GLY B 3 -12.84 -4.84 8.94
CA GLY B 3 -11.93 -4.77 10.07
C GLY B 3 -12.49 -5.54 11.25
N SER B 4 -11.88 -5.40 12.42
CA SER B 4 -12.38 -6.10 13.60
C SER B 4 -13.62 -5.38 14.10
N MET B 5 -14.52 -6.12 14.73
CA MET B 5 -15.71 -5.51 15.29
C MET B 5 -15.34 -4.78 16.57
N LYS B 6 -16.29 -4.00 17.07
CA LYS B 6 -16.10 -3.22 18.28
C LYS B 6 -15.91 -4.16 19.46
N VAL B 7 -15.11 -3.76 20.44
CA VAL B 7 -15.08 -4.46 21.73
C VAL B 7 -16.39 -4.19 22.43
N GLU B 8 -16.81 -5.16 23.25
CA GLU B 8 -18.02 -5.04 24.07
C GLU B 8 -17.73 -4.32 25.41
N LYS B 9 -16.51 -4.41 25.92
CA LYS B 9 -16.15 -3.77 27.20
C LYS B 9 -15.81 -2.33 26.89
N VAL B 10 -15.46 -1.56 27.92
CA VAL B 10 -14.95 -0.22 27.71
C VAL B 10 -13.48 -0.37 27.38
N PHE B 11 -13.08 0.18 26.23
CA PHE B 11 -11.70 0.10 25.81
C PHE B 11 -10.84 0.94 26.73
N PHE B 12 -9.87 0.28 27.37
CA PHE B 12 -9.09 0.86 28.44
C PHE B 12 -7.65 0.98 27.98
N VAL B 13 -7.23 2.23 27.74
CA VAL B 13 -5.88 2.54 27.30
C VAL B 13 -5.21 3.46 28.33
N THR B 14 -3.93 3.20 28.63
CA THR B 14 -3.21 3.93 29.67
C THR B 14 -1.86 4.45 29.18
N SER B 15 -1.40 5.50 29.84
CA SER B 15 -0.02 5.92 29.74
C SER B 15 0.67 5.51 31.05
N PRO B 16 1.99 5.65 31.13
CA PRO B 16 2.61 5.49 32.43
C PRO B 16 2.26 6.70 33.25
N ILE B 17 2.37 6.59 34.57
CA ILE B 17 2.27 7.77 35.44
C ILE B 17 3.67 8.26 35.71
N TYR B 18 3.85 9.57 35.59
CA TYR B 18 5.19 10.16 35.51
C TYR B 18 5.67 10.75 36.84
N TYR B 19 6.95 10.58 37.13
CA TYR B 19 7.55 11.01 38.40
C TYR B 19 7.66 12.54 38.46
N VAL B 20 7.20 13.13 39.56
CA VAL B 20 7.07 14.59 39.65
C VAL B 20 8.34 15.31 40.15
N ASN B 21 9.49 14.63 40.07
CA ASN B 21 10.80 15.24 40.31
C ASN B 21 11.39 15.89 39.05
N ALA B 22 10.60 15.98 37.98
CA ALA B 22 11.02 16.67 36.75
C ALA B 22 9.80 17.39 36.15
N ALA B 23 10.00 18.59 35.59
CA ALA B 23 8.92 19.26 34.85
C ALA B 23 8.62 18.39 33.64
N PRO B 24 7.39 18.46 33.11
CA PRO B 24 7.08 17.68 31.92
C PRO B 24 7.93 18.06 30.68
N HIS B 25 8.25 17.06 29.87
CA HIS B 25 9.09 17.19 28.67
C HIS B 25 8.59 16.24 27.54
N ILE B 26 9.29 16.25 26.40
CA ILE B 26 8.87 15.50 25.21
C ILE B 26 8.56 14.03 25.49
N GLY B 27 9.42 13.36 26.26
CA GLY B 27 9.17 12.00 26.71
C GLY B 27 7.75 11.71 27.20
N HIS B 28 7.23 12.50 28.13
CA HIS B 28 5.89 12.27 28.68
C HIS B 28 4.83 12.65 27.66
N VAL B 29 5.10 13.74 26.95
CA VAL B 29 4.23 14.20 25.88
C VAL B 29 4.03 13.12 24.82
N TYR B 30 5.11 12.44 24.47
CA TYR B 30 5.06 11.40 23.44
C TYR B 30 4.31 10.17 23.92
N SER B 31 4.63 9.71 25.14
CA SER B 31 3.92 8.58 25.73
C SER B 31 2.43 8.84 25.78
N THR B 32 2.06 10.01 26.27
CA THR B 32 0.67 10.35 26.45
C THR B 32 -0.03 10.62 25.10
N LEU B 33 0.73 11.10 24.10
CA LEU B 33 0.20 11.26 22.74
C LEU B 33 -0.25 9.92 22.15
N ILE B 34 0.60 8.92 22.31
CA ILE B 34 0.30 7.58 21.80
C ILE B 34 -0.97 7.06 22.47
N THR B 35 -1.02 7.18 23.81
CA THR B 35 -2.22 6.80 24.56
C THR B 35 -3.46 7.51 24.00
N ASP B 36 -3.32 8.81 23.75
CA ASP B 36 -4.42 9.65 23.30
C ASP B 36 -4.92 9.24 21.90
N VAL B 37 -3.97 8.96 21.02
CA VAL B 37 -4.28 8.54 19.66
C VAL B 37 -5.06 7.22 19.65
N ILE B 38 -4.59 6.24 20.42
CA ILE B 38 -5.29 4.96 20.52
C ILE B 38 -6.71 5.19 21.03
N GLY B 39 -6.83 5.96 22.08
CA GLY B 39 -8.13 6.24 22.65
C GLY B 39 -9.05 6.92 21.68
N ARG B 40 -8.51 7.88 20.94
CA ARG B 40 -9.30 8.58 19.95
C ARG B 40 -9.77 7.62 18.86
N TYR B 41 -8.88 6.75 18.36
CA TYR B 41 -9.27 5.81 17.32
C TYR B 41 -10.47 4.98 17.73
N HIS B 42 -10.46 4.49 18.97
CA HIS B 42 -11.54 3.61 19.41
C HIS B 42 -12.86 4.37 19.62
N ARG B 43 -12.75 5.62 20.05
CA ARG B 43 -13.92 6.49 20.09
C ARG B 43 -14.48 6.72 18.70
N VAL B 44 -13.59 6.89 17.73
CA VAL B 44 -14.01 7.02 16.35
C VAL B 44 -14.70 5.74 15.82
N LYS B 45 -14.20 4.59 16.28
CA LYS B 45 -14.80 3.29 15.95
C LYS B 45 -16.22 3.14 16.52
N GLY B 46 -16.55 3.97 17.52
CA GLY B 46 -17.86 3.94 18.14
C GLY B 46 -17.84 3.10 19.40
N GLU B 47 -16.66 2.91 19.96
CA GLU B 47 -16.50 2.16 21.19
C GLU B 47 -16.48 3.10 22.38
N ARG B 48 -16.87 2.56 23.53
CA ARG B 48 -16.66 3.27 24.79
C ARG B 48 -15.18 3.22 25.15
N VAL B 49 -14.65 4.36 25.59
CA VAL B 49 -13.23 4.50 25.86
C VAL B 49 -12.98 5.15 27.20
N PHE B 50 -11.96 4.66 27.87
CA PHE B 50 -11.43 5.28 29.07
C PHE B 50 -9.91 5.33 28.94
N ALA B 51 -9.39 6.52 28.69
CA ALA B 51 -7.97 6.73 28.58
C ALA B 51 -7.47 7.33 29.88
N LEU B 52 -6.31 6.86 30.32
CA LEU B 52 -5.77 7.22 31.61
C LEU B 52 -4.32 7.68 31.50
N THR B 53 -4.02 8.77 32.20
CA THR B 53 -2.64 9.21 32.40
C THR B 53 -2.55 9.73 33.83
N GLY B 54 -1.34 10.08 34.28
CA GLY B 54 -1.20 10.61 35.63
C GLY B 54 0.20 10.79 36.13
N THR B 55 0.32 11.00 37.43
CA THR B 55 1.59 11.30 38.08
C THR B 55 1.87 10.37 39.27
N ASP B 56 3.16 10.08 39.41
CA ASP B 56 3.70 9.14 40.38
C ASP B 56 4.38 10.02 41.44
N GLU B 57 3.74 10.18 42.60
CA GLU B 57 4.05 11.31 43.51
C GLU B 57 4.84 11.00 44.79
N HIS B 58 4.87 9.73 45.19
CA HIS B 58 5.60 9.34 46.40
C HIS B 58 7.08 9.08 46.15
N GLY B 59 7.82 8.88 47.22
CA GLY B 59 9.22 8.47 47.16
C GLY B 59 10.29 9.43 47.69
N GLN B 60 11.49 8.89 47.85
CA GLN B 60 12.64 9.59 48.41
C GLN B 60 13.08 10.84 47.64
N LYS B 61 13.16 10.69 46.33
CA LYS B 61 13.73 11.72 45.46
C LYS B 61 12.77 12.89 45.33
N VAL B 62 11.46 12.61 45.30
CA VAL B 62 10.45 13.66 45.29
C VAL B 62 10.49 14.43 46.61
N ALA B 63 10.54 13.70 47.72
CA ALA B 63 10.63 14.31 49.05
C ALA B 63 11.85 15.22 49.20
N GLU B 64 12.98 14.78 48.67
CA GLU B 64 14.23 15.56 48.71
C GLU B 64 14.19 16.78 47.77
N ALA B 65 13.44 16.69 46.68
CA ALA B 65 13.21 17.84 45.79
C ALA B 65 12.39 18.90 46.51
N ALA B 66 11.32 18.44 47.16
CA ALA B 66 10.49 19.31 47.98
C ALA B 66 11.29 20.01 49.08
N LYS B 67 12.16 19.27 49.76
CA LYS B 67 13.00 19.85 50.81
C LYS B 67 13.97 20.91 50.25
N GLN B 68 14.45 20.68 49.03
CA GLN B 68 15.28 21.69 48.32
C GLN B 68 14.52 22.99 48.07
N LYS B 69 13.29 22.88 47.58
CA LYS B 69 12.44 24.04 47.32
C LYS B 69 11.83 24.64 48.60
N GLN B 70 12.05 23.98 49.74
CA GLN B 70 11.56 24.43 51.06
C GLN B 70 10.04 24.56 51.11
N VAL B 71 9.38 23.52 50.61
CA VAL B 71 7.92 23.43 50.58
C VAL B 71 7.55 22.00 50.98
N SER B 72 6.36 21.81 51.53
CA SER B 72 5.94 20.47 51.96
C SER B 72 5.82 19.55 50.73
N PRO B 73 6.09 18.25 50.91
CA PRO B 73 5.94 17.35 49.77
C PRO B 73 4.55 17.38 49.14
N TYR B 74 3.51 17.66 49.94
CA TYR B 74 2.17 17.72 49.38
C TYR B 74 2.03 18.93 48.46
N ASP B 75 2.47 20.09 48.92
CA ASP B 75 2.48 21.30 48.08
C ASP B 75 3.26 21.10 46.78
N PHE B 76 4.46 20.53 46.92
CA PHE B 76 5.36 20.34 45.80
C PHE B 76 4.78 19.41 44.73
N THR B 77 4.30 18.25 45.18
CA THR B 77 3.69 17.30 44.25
C THR B 77 2.46 17.91 43.60
N THR B 78 1.64 18.63 44.36
CA THR B 78 0.41 19.23 43.83
C THR B 78 0.74 20.25 42.72
N ALA B 79 1.73 21.09 42.96
CA ALA B 79 2.22 22.04 41.95
C ALA B 79 2.71 21.34 40.66
N VAL B 80 3.60 20.36 40.77
CA VAL B 80 4.16 19.71 39.59
C VAL B 80 3.09 18.92 38.86
N ALA B 81 2.21 18.27 39.62
CA ALA B 81 1.05 17.61 39.03
C ALA B 81 0.23 18.61 38.19
N GLY B 82 0.11 19.84 38.68
CA GLY B 82 -0.52 20.91 37.92
C GLY B 82 0.19 21.27 36.64
N GLU B 83 1.52 21.28 36.67
CA GLU B 83 2.33 21.52 35.47
C GLU B 83 2.06 20.46 34.41
N PHE B 84 1.97 19.19 34.84
CA PHE B 84 1.67 18.10 33.93
C PHE B 84 0.28 18.24 33.34
N LYS B 85 -0.70 18.61 34.16
CA LYS B 85 -2.08 18.80 33.69
C LYS B 85 -2.16 19.91 32.65
N LYS B 86 -1.48 21.02 32.95
CA LYS B 86 -1.43 22.17 32.05
C LYS B 86 -0.82 21.80 30.71
N CYS B 87 0.27 21.04 30.75
CA CYS B 87 0.96 20.59 29.53
C CYS B 87 0.05 19.76 28.65
N PHE B 88 -0.71 18.85 29.26
CA PHE B 88 -1.58 17.97 28.50
C PHE B 88 -2.83 18.68 27.98
N GLU B 89 -3.27 19.74 28.66
CA GLU B 89 -4.30 20.61 28.09
C GLU B 89 -3.74 21.38 26.90
N GLN B 90 -2.54 21.93 27.04
CA GLN B 90 -1.89 22.69 25.95
C GLN B 90 -1.75 21.85 24.69
N MET B 91 -1.33 20.60 24.89
CA MET B 91 -1.18 19.64 23.80
C MET B 91 -2.50 19.16 23.22
N ASP B 92 -3.62 19.51 23.84
CA ASP B 92 -4.93 19.25 23.27
C ASP B 92 -5.23 17.75 23.18
N TYR B 93 -4.86 17.02 24.23
CA TYR B 93 -5.23 15.61 24.36
C TYR B 93 -6.70 15.47 24.78
N SER B 94 -7.18 14.24 24.81
CA SER B 94 -8.54 13.95 25.22
C SER B 94 -8.54 12.77 26.20
N ILE B 95 -7.71 12.90 27.22
CA ILE B 95 -7.56 11.86 28.25
C ILE B 95 -8.73 11.98 29.21
N ASP B 96 -9.30 10.84 29.57
CA ASP B 96 -10.53 10.83 30.36
C ASP B 96 -10.30 11.12 31.85
N TYR B 97 -9.13 10.76 32.37
CA TYR B 97 -8.84 10.98 33.78
C TYR B 97 -7.34 11.10 34.03
N PHE B 98 -6.99 11.95 34.98
CA PHE B 98 -5.62 12.19 35.38
C PHE B 98 -5.49 11.74 36.83
N ILE B 99 -4.78 10.65 37.05
CA ILE B 99 -4.69 10.05 38.37
C ILE B 99 -3.40 10.47 39.07
N ARG B 100 -3.51 10.66 40.38
CA ARG B 100 -2.39 11.00 41.21
C ARG B 100 -2.31 9.97 42.32
N THR B 101 -1.10 9.50 42.59
CA THR B 101 -0.93 8.44 43.57
C THR B 101 -1.16 8.94 45.00
N THR B 102 -1.12 10.25 45.19
CA THR B 102 -1.50 10.85 46.47
C THR B 102 -2.99 10.76 46.78
N ASN B 103 -3.79 10.45 45.76
CA ASN B 103 -5.23 10.32 45.93
C ASN B 103 -5.57 9.24 46.96
N GLU B 104 -6.54 9.52 47.82
CA GLU B 104 -6.87 8.61 48.92
C GLU B 104 -7.49 7.31 48.40
N GLN B 105 -8.23 7.39 47.31
CA GLN B 105 -8.87 6.21 46.72
C GLN B 105 -7.82 5.30 46.10
N HIS B 106 -6.77 5.89 45.54
CA HIS B 106 -5.65 5.10 45.04
C HIS B 106 -4.97 4.34 46.17
N LYS B 107 -4.72 5.03 47.28
CA LYS B 107 -4.06 4.44 48.43
C LYS B 107 -4.87 3.28 48.98
N ALA B 108 -6.19 3.44 49.01
CA ALA B 108 -7.13 2.38 49.40
C ALA B 108 -6.92 1.11 48.57
N VAL B 109 -6.84 1.30 47.26
CA VAL B 109 -6.69 0.19 46.33
C VAL B 109 -5.34 -0.49 46.58
N VAL B 110 -4.28 0.31 46.75
CA VAL B 110 -2.95 -0.22 47.03
C VAL B 110 -2.99 -1.12 48.25
N LYS B 111 -3.68 -0.69 49.31
CA LYS B 111 -3.82 -1.48 50.52
C LYS B 111 -4.62 -2.76 50.28
N GLU B 112 -5.70 -2.68 49.50
CA GLU B 112 -6.49 -3.87 49.18
C GLU B 112 -5.62 -4.89 48.47
N LEU B 113 -4.87 -4.42 47.49
CA LEU B 113 -4.04 -5.30 46.69
C LEU B 113 -2.88 -5.89 47.50
N TRP B 114 -2.20 -5.05 48.27
CA TRP B 114 -1.15 -5.52 49.15
C TRP B 114 -1.67 -6.62 50.06
N THR B 115 -2.82 -6.38 50.68
CA THR B 115 -3.40 -7.33 51.64
C THR B 115 -3.72 -8.66 50.97
N LYS B 116 -4.21 -8.59 49.74
CA LYS B 116 -4.55 -9.79 48.98
C LYS B 116 -3.30 -10.62 48.75
N LEU B 117 -2.24 -9.97 48.29
CA LEU B 117 -0.97 -10.66 48.05
C LEU B 117 -0.44 -11.31 49.32
N GLU B 118 -0.53 -10.59 50.44
CA GLU B 118 -0.08 -11.07 51.74
C GLU B 118 -0.89 -12.29 52.18
N GLN B 119 -2.21 -12.22 52.05
CA GLN B 119 -3.10 -13.34 52.38
C GLN B 119 -2.81 -14.60 51.56
N LYS B 120 -2.55 -14.43 50.25
CA LYS B 120 -2.15 -15.55 49.38
C LYS B 120 -0.79 -16.17 49.72
N GLY B 121 -0.06 -15.56 50.66
CA GLY B 121 1.27 -16.01 51.03
C GLY B 121 2.33 -15.61 50.02
N ASP B 122 2.04 -14.63 49.17
CA ASP B 122 2.98 -14.19 48.15
C ASP B 122 3.82 -12.96 48.57
N ILE B 123 3.50 -12.37 49.72
CA ILE B 123 4.38 -11.39 50.35
C ILE B 123 4.67 -11.89 51.74
N TYR B 124 5.95 -11.98 52.06
CA TYR B 124 6.33 -12.37 53.39
C TYR B 124 7.23 -11.33 54.01
N LEU B 125 7.31 -11.35 55.34
CA LEU B 125 8.17 -10.44 56.06
C LEU B 125 9.48 -11.16 56.38
N GLY B 126 10.59 -10.55 55.98
CA GLY B 126 11.91 -11.15 56.19
C GLY B 126 12.90 -10.19 56.77
N ARG B 127 13.89 -10.71 57.49
CA ARG B 127 15.01 -9.92 57.95
C ARG B 127 16.10 -9.99 56.88
N TYR B 128 16.50 -8.83 56.36
CA TYR B 128 17.58 -8.73 55.40
C TYR B 128 18.83 -8.31 56.16
N GLU B 129 19.88 -9.13 56.05
CA GLU B 129 21.19 -8.85 56.65
C GLU B 129 22.19 -8.80 55.48
N GLY B 130 22.59 -7.60 55.08
CA GLY B 130 23.48 -7.46 53.92
C GLY B 130 23.76 -6.02 53.55
N TRP B 131 24.33 -5.81 52.37
CA TRP B 131 24.70 -4.47 51.95
C TRP B 131 23.52 -3.72 51.30
N TYR B 132 23.53 -2.40 51.46
CA TYR B 132 22.50 -1.54 50.89
C TYR B 132 23.09 -0.22 50.46
N SER B 133 22.70 0.26 49.28
CA SER B 133 23.01 1.61 48.84
C SER B 133 21.75 2.47 49.02
N ILE B 134 21.78 3.38 49.99
CA ILE B 134 20.67 4.28 50.25
C ILE B 134 20.40 5.19 49.05
N SER B 135 21.47 5.64 48.41
CA SER B 135 21.40 6.51 47.25
C SER B 135 20.73 5.84 46.02
N ASP B 136 20.96 4.55 45.83
CA ASP B 136 20.33 3.79 44.73
C ASP B 136 19.06 3.07 45.17
N GLU B 137 18.82 3.04 46.49
CA GLU B 137 17.69 2.31 47.09
C GLU B 137 17.75 0.84 46.71
N SER B 138 18.94 0.27 46.81
CA SER B 138 19.26 -1.00 46.17
C SER B 138 19.96 -1.95 47.13
N PHE B 139 19.46 -3.18 47.23
CA PHE B 139 20.16 -4.23 47.95
C PHE B 139 21.28 -4.77 47.06
N LEU B 140 22.45 -4.97 47.63
CA LEU B 140 23.62 -5.45 46.88
C LEU B 140 24.21 -6.68 47.56
N THR B 141 24.80 -7.56 46.76
CA THR B 141 25.53 -8.71 47.28
C THR B 141 27.00 -8.30 47.49
N PRO B 142 27.78 -9.09 48.25
CA PRO B 142 29.20 -8.72 48.50
C PRO B 142 30.06 -8.63 47.24
N GLN B 143 29.69 -9.34 46.18
CA GLN B 143 30.43 -9.29 44.91
C GLN B 143 30.20 -7.93 44.19
N ASN B 144 29.16 -7.19 44.59
CA ASN B 144 28.84 -5.87 44.02
C ASN B 144 29.39 -4.67 44.80
N ILE B 145 30.30 -4.91 45.76
CA ILE B 145 30.91 -3.85 46.60
C ILE B 145 32.45 -3.83 46.46
N THR B 146 33.06 -2.67 46.70
CA THR B 146 34.53 -2.50 46.84
C THR B 146 34.83 -1.35 47.81
N ASP B 147 36.12 -1.06 48.02
CA ASP B 147 36.54 0.05 48.87
C ASP B 147 36.47 1.38 48.12
N GLY B 148 36.20 2.47 48.84
CA GLY B 148 36.07 3.80 48.24
C GLY B 148 36.09 4.95 49.24
N VAL B 149 35.54 6.09 48.81
CA VAL B 149 35.79 7.39 49.45
C VAL B 149 34.48 8.13 49.82
N ASP B 150 34.62 9.15 50.69
CA ASP B 150 33.52 10.04 51.11
C ASP B 150 32.38 10.10 50.10
N PRO B 155 36.78 7.06 53.85
CA PRO B 155 37.26 5.68 53.88
C PRO B 155 36.14 4.69 54.28
N CYS B 156 35.61 3.95 53.30
CA CYS B 156 34.39 3.17 53.50
C CYS B 156 34.18 2.13 52.39
N LYS B 157 33.00 1.51 52.34
CA LYS B 157 32.60 0.64 51.23
C LYS B 157 31.65 1.37 50.29
N VAL B 158 31.73 1.03 49.00
CA VAL B 158 30.91 1.68 47.96
C VAL B 158 30.40 0.64 46.96
N SER B 159 29.34 0.99 46.24
CA SER B 159 28.75 0.09 45.24
C SER B 159 29.65 0.05 43.98
N LEU B 160 29.80 -1.13 43.40
CA LEU B 160 30.58 -1.29 42.16
C LEU B 160 29.92 -0.54 41.02
N GLU B 161 28.60 -0.70 40.88
CA GLU B 161 27.86 -0.13 39.75
C GLU B 161 27.76 1.39 39.77
N SER B 162 27.45 1.97 40.92
CA SER B 162 27.14 3.41 40.99
C SER B 162 28.19 4.24 41.70
N GLY B 163 28.99 3.63 42.58
CA GLY B 163 30.02 4.36 43.32
C GLY B 163 29.54 5.03 44.59
N HIS B 164 28.24 4.96 44.89
CA HIS B 164 27.70 5.55 46.11
C HIS B 164 28.02 4.68 47.31
N VAL B 165 28.00 5.29 48.50
CA VAL B 165 28.34 4.61 49.74
C VAL B 165 27.32 3.50 50.04
N VAL B 166 27.82 2.37 50.54
CA VAL B 166 26.95 1.28 50.99
C VAL B 166 27.10 1.11 52.49
N THR B 167 26.04 0.61 53.11
CA THR B 167 26.02 0.34 54.54
C THR B 167 25.54 -1.08 54.74
N TRP B 168 26.07 -1.75 55.77
CA TRP B 168 25.54 -3.04 56.17
C TRP B 168 24.27 -2.75 56.95
N VAL B 169 23.20 -3.48 56.64
CA VAL B 169 21.93 -3.26 57.32
C VAL B 169 21.44 -4.58 57.88
N SER B 170 20.73 -4.49 58.99
CA SER B 170 19.94 -5.60 59.48
C SER B 170 18.54 -5.05 59.71
N GLU B 171 17.70 -5.13 58.68
CA GLU B 171 16.38 -4.51 58.69
C GLU B 171 15.32 -5.43 58.16
N GLU B 172 14.16 -5.45 58.83
CA GLU B 172 13.00 -6.18 58.31
C GLU B 172 12.54 -5.59 57.00
N ASN B 173 12.05 -6.46 56.13
CA ASN B 173 11.71 -6.05 54.78
C ASN B 173 10.70 -6.98 54.15
N TYR B 174 9.72 -6.42 53.45
CA TYR B 174 8.72 -7.24 52.75
C TYR B 174 9.12 -7.60 51.30
N MET B 175 9.02 -8.89 50.98
CA MET B 175 9.42 -9.44 49.68
C MET B 175 8.22 -10.06 49.00
N PHE B 176 8.09 -9.80 47.70
CA PHE B 176 7.13 -10.50 46.83
C PHE B 176 7.79 -11.74 46.21
N ARG B 177 7.07 -12.87 46.23
CA ARG B 177 7.64 -14.15 45.78
C ARG B 177 7.61 -14.31 44.26
N LEU B 178 8.25 -13.38 43.57
CA LEU B 178 8.24 -13.32 42.11
C LEU B 178 8.76 -14.63 41.49
N SER B 179 9.77 -15.22 42.10
CA SER B 179 10.36 -16.47 41.62
C SER B 179 9.31 -17.56 41.39
N ALA B 180 8.25 -17.55 42.19
CA ALA B 180 7.18 -18.53 42.07
C ALA B 180 6.28 -18.36 40.83
N PHE B 181 6.42 -17.24 40.12
CA PHE B 181 5.56 -16.91 38.98
C PHE B 181 6.20 -17.08 37.60
N ARG B 182 7.42 -17.60 37.57
CA ARG B 182 8.13 -17.79 36.31
C ARG B 182 7.38 -18.66 35.30
N GLU B 183 6.96 -19.86 35.71
CA GLU B 183 6.22 -20.76 34.82
C GLU B 183 4.93 -20.14 34.28
N ARG B 184 4.14 -19.54 35.16
CA ARG B 184 2.88 -18.93 34.75
C ARG B 184 3.06 -17.72 33.81
N LEU B 185 4.11 -16.92 34.05
CA LEU B 185 4.44 -15.82 33.14
C LEU B 185 4.84 -16.33 31.77
N LEU B 186 5.67 -17.37 31.73
CA LEU B 186 6.08 -17.95 30.47
C LEU B 186 4.88 -18.54 29.72
N GLU B 187 3.96 -19.19 30.44
CA GLU B 187 2.73 -19.67 29.82
C GLU B 187 1.92 -18.51 29.26
N TRP B 188 1.88 -17.40 29.98
CA TRP B 188 1.15 -16.23 29.53
C TRP B 188 1.73 -15.66 28.21
N TYR B 189 3.05 -15.46 28.17
CA TYR B 189 3.71 -14.91 26.97
C TYR B 189 3.48 -15.80 25.73
N HIS B 190 3.54 -17.12 25.93
CA HIS B 190 3.43 -18.06 24.83
CA HIS B 190 3.42 -18.11 24.85
C HIS B 190 1.99 -18.25 24.36
N ALA B 191 1.04 -18.15 25.28
CA ALA B 191 -0.38 -18.28 24.91
C ALA B 191 -0.92 -17.01 24.29
N ASN B 192 -0.22 -15.91 24.48
CA ASN B 192 -0.64 -14.63 23.95
C ASN B 192 0.52 -13.96 23.24
N PRO B 193 0.93 -14.52 22.09
CA PRO B 193 2.13 -14.07 21.39
C PRO B 193 2.10 -12.62 20.87
N GLY B 194 0.96 -11.95 20.92
CA GLY B 194 0.90 -10.51 20.65
C GLY B 194 0.81 -9.61 21.88
N CYS B 195 0.99 -10.15 23.08
CA CYS B 195 0.75 -9.36 24.29
C CYS B 195 1.82 -8.30 24.53
N ILE B 196 2.97 -8.41 23.87
CA ILE B 196 4.02 -7.39 24.00
C ILE B 196 4.51 -6.97 22.63
N VAL B 197 4.44 -5.67 22.35
CA VAL B 197 4.82 -5.10 21.08
C VAL B 197 5.90 -4.01 21.33
N PRO B 198 6.90 -3.90 20.46
CA PRO B 198 7.11 -4.76 19.30
C PRO B 198 7.71 -6.12 19.65
N GLU B 199 7.70 -6.99 18.64
CA GLU B 199 8.05 -8.39 18.83
C GLU B 199 9.43 -8.60 19.47
N PHE B 200 10.42 -7.83 19.05
CA PHE B 200 11.78 -8.00 19.60
C PHE B 200 11.85 -7.67 21.10
N ARG B 201 10.96 -6.81 21.57
CA ARG B 201 10.83 -6.54 23.01
C ARG B 201 10.12 -7.68 23.72
N ARG B 202 9.15 -8.30 23.06
CA ARG B 202 8.51 -9.49 23.61
C ARG B 202 9.55 -10.58 23.84
N ARG B 203 10.35 -10.85 22.81
CA ARG B 203 11.42 -11.86 22.89
C ARG B 203 12.42 -11.55 23.99
N GLU B 204 12.74 -10.26 24.17
CA GLU B 204 13.64 -9.83 25.26
C GLU B 204 13.08 -10.21 26.63
N VAL B 205 11.79 -9.95 26.85
CA VAL B 205 11.16 -10.28 28.11
C VAL B 205 11.20 -11.78 28.35
N ILE B 206 10.88 -12.56 27.32
CA ILE B 206 10.84 -14.00 27.47
C ILE B 206 12.22 -14.55 27.83
N ARG B 207 13.27 -14.12 27.12
CA ARG B 207 14.63 -14.55 27.43
C ARG B 207 14.98 -14.26 28.89
N ALA B 208 14.54 -13.11 29.39
CA ALA B 208 14.83 -12.70 30.74
C ALA B 208 14.15 -13.60 31.77
N VAL B 209 12.87 -13.86 31.56
CA VAL B 209 12.11 -14.71 32.49
C VAL B 209 12.58 -16.16 32.43
N GLU B 210 13.01 -16.62 31.25
CA GLU B 210 13.58 -17.97 31.12
C GLU B 210 14.83 -18.15 31.98
N LYS B 211 15.68 -17.12 32.05
CA LYS B 211 16.91 -17.18 32.85
C LYS B 211 16.66 -17.38 34.34
N GLY B 212 15.49 -16.94 34.82
CA GLY B 212 15.09 -17.16 36.21
C GLY B 212 14.68 -15.84 36.81
N LEU B 213 13.88 -15.89 37.86
CA LEU B 213 13.45 -14.66 38.53
C LEU B 213 13.77 -14.69 40.02
N PRO B 214 14.38 -13.60 40.53
CA PRO B 214 14.50 -13.45 41.99
C PRO B 214 13.21 -12.90 42.58
N ASP B 215 13.06 -13.05 43.89
CA ASP B 215 11.99 -12.38 44.61
C ASP B 215 12.24 -10.87 44.59
N LEU B 216 11.20 -10.10 44.85
CA LEU B 216 11.26 -8.67 44.65
C LEU B 216 10.91 -7.93 45.95
N SER B 217 11.77 -7.00 46.35
CA SER B 217 11.47 -6.15 47.50
C SER B 217 10.33 -5.16 47.18
N VAL B 218 9.25 -5.23 47.95
CA VAL B 218 8.10 -4.34 47.76
C VAL B 218 7.90 -3.31 48.90
N SER B 219 8.82 -3.24 49.87
CA SER B 219 8.72 -2.24 50.94
C SER B 219 10.08 -1.63 51.27
N ARG B 220 10.04 -0.47 51.93
CA ARG B 220 11.25 0.16 52.48
C ARG B 220 10.97 0.74 53.84
N ALA B 221 12.02 0.86 54.65
CA ALA B 221 11.91 1.52 55.96
C ALA B 221 11.48 2.97 55.76
N ARG B 222 10.59 3.46 56.62
CA ARG B 222 9.98 4.78 56.44
C ARG B 222 10.96 5.97 56.48
N ALA B 223 12.01 5.88 57.28
CA ALA B 223 13.04 6.93 57.29
C ALA B 223 13.68 7.09 55.90
N THR B 224 13.91 5.96 55.22
CA THR B 224 14.56 5.96 53.91
C THR B 224 13.82 6.77 52.87
N LEU B 225 12.50 6.77 52.95
CA LEU B 225 11.66 7.52 52.00
C LEU B 225 11.20 8.87 52.55
N HIS B 226 11.84 9.33 53.62
CA HIS B 226 11.49 10.58 54.27
C HIS B 226 9.99 10.63 54.58
N ASN B 227 9.47 9.47 54.96
CA ASN B 227 8.07 9.31 55.32
C ASN B 227 7.08 9.81 54.29
N TRP B 228 7.44 9.71 53.01
CA TRP B 228 6.60 10.21 51.94
C TRP B 228 6.23 9.08 50.99
N ALA B 229 5.25 8.29 51.45
CA ALA B 229 4.87 7.05 50.79
C ALA B 229 3.66 6.45 51.49
N ILE B 230 3.12 5.37 50.91
CA ILE B 230 1.97 4.68 51.49
C ILE B 230 2.44 3.69 52.56
N PRO B 231 1.86 3.77 53.77
CA PRO B 231 2.21 2.79 54.79
C PRO B 231 1.83 1.37 54.42
N VAL B 232 2.65 0.41 54.83
CA VAL B 232 2.29 -0.99 54.71
C VAL B 232 1.14 -1.28 55.67
N PRO B 233 0.05 -1.92 55.18
CA PRO B 233 -1.05 -2.30 56.06
C PRO B 233 -0.61 -3.13 57.27
N GLY B 234 -0.97 -2.68 58.46
CA GLY B 234 -0.60 -3.36 59.68
C GLY B 234 0.85 -3.19 60.11
N ASN B 235 1.61 -2.33 59.43
CA ASN B 235 2.98 -2.06 59.82
C ASN B 235 3.43 -0.66 59.42
N PRO B 236 3.13 0.33 60.28
CA PRO B 236 3.51 1.74 60.10
C PRO B 236 5.00 2.05 59.98
N ASP B 237 5.88 1.11 60.35
CA ASP B 237 7.34 1.28 60.18
C ASP B 237 7.80 1.16 58.73
N HIS B 238 6.95 0.57 57.87
CA HIS B 238 7.31 0.30 56.48
C HIS B 238 6.38 0.96 55.49
N VAL B 240 5.16 1.13 51.31
CA VAL B 240 5.03 0.39 50.08
C VAL B 240 5.94 1.04 49.06
N TYR B 241 6.85 0.25 48.50
CA TYR B 241 7.80 0.78 47.55
C TYR B 241 7.11 1.06 46.17
N VAL B 242 7.92 1.38 45.17
CA VAL B 242 7.41 1.89 43.90
C VAL B 242 6.51 0.91 43.13
N TRP B 243 6.74 -0.38 43.27
CA TRP B 243 6.09 -1.35 42.38
C TRP B 243 4.60 -1.54 42.71
N LEU B 244 4.26 -1.73 43.98
CA LEU B 244 2.85 -1.89 44.32
C LEU B 244 2.11 -0.56 44.40
N ASP B 245 2.82 0.56 44.48
CA ASP B 245 2.15 1.84 44.45
C ASP B 245 1.81 2.31 43.03
N ALA B 246 2.85 2.54 42.23
CA ALA B 246 2.68 3.15 40.92
C ALA B 246 1.92 2.27 39.91
N LEU B 247 2.29 1.00 39.81
CA LEU B 247 1.64 0.08 38.86
C LEU B 247 0.17 -0.09 39.17
N THR B 248 -0.17 0.02 40.44
CA THR B 248 -1.54 -0.16 40.87
C THR B 248 -2.47 0.94 40.36
N ASN B 249 -1.92 2.05 39.90
CA ASN B 249 -2.75 3.14 39.39
C ASN B 249 -3.71 2.66 38.30
N TYR B 250 -3.25 1.69 37.50
CA TYR B 250 -4.08 1.14 36.43
C TYR B 250 -5.33 0.50 36.99
N LEU B 251 -5.17 -0.26 38.06
CA LEU B 251 -6.31 -0.86 38.75
C LEU B 251 -7.23 0.22 39.37
N THR B 252 -6.64 1.16 40.08
CA THR B 252 -7.41 2.23 40.68
C THR B 252 -8.25 2.97 39.64
N GLY B 253 -7.61 3.35 38.54
CA GLY B 253 -8.29 4.12 37.50
C GLY B 253 -9.45 3.35 36.90
N SER B 254 -9.30 2.03 36.84
CA SER B 254 -10.33 1.17 36.30
C SER B 254 -11.58 1.12 37.18
N ARG B 255 -11.43 1.60 38.42
CA ARG B 255 -12.51 1.56 39.43
C ARG B 255 -13.11 2.90 39.85
N LEU B 256 -12.68 4.01 39.25
CA LEU B 256 -13.19 5.33 39.63
C LEU B 256 -14.31 5.81 38.72
N ARG B 257 -15.47 6.09 39.29
CA ARG B 257 -16.47 6.88 38.58
C ARG B 257 -16.00 8.33 38.52
N VAL B 258 -16.09 8.92 37.33
CA VAL B 258 -15.58 10.27 37.11
C VAL B 258 -16.70 11.15 36.57
N ASP B 259 -16.85 12.35 37.14
CA ASP B 259 -17.89 13.31 36.69
C ASP B 259 -17.53 14.00 35.37
N GLU B 260 -18.48 14.76 34.83
CA GLU B 260 -18.27 15.57 33.61
C GLU B 260 -17.07 16.53 33.74
N SER B 261 -16.85 17.05 34.94
CA SER B 261 -15.76 17.99 35.21
C SER B 261 -14.37 17.33 35.23
N GLY B 262 -14.32 16.01 35.45
CA GLY B 262 -13.06 15.26 35.48
C GLY B 262 -12.58 14.79 36.85
N LYS B 263 -13.22 15.25 37.92
CA LYS B 263 -12.89 14.83 39.29
C LYS B 263 -13.43 13.43 39.60
N GLU B 264 -12.62 12.63 40.28
CA GLU B 264 -13.03 11.32 40.83
C GLU B 264 -14.12 11.48 41.88
N VAL B 265 -15.21 10.76 41.72
CA VAL B 265 -16.36 10.92 42.60
C VAL B 265 -16.67 9.68 43.46
N SER B 266 -16.14 8.52 43.09
CA SER B 266 -16.51 7.28 43.74
C SER B 266 -15.54 6.17 43.34
N LEU B 267 -15.25 5.27 44.26
CA LEU B 267 -14.42 4.11 43.98
C LEU B 267 -15.29 2.87 44.13
N VAL B 268 -15.57 2.17 43.04
CA VAL B 268 -16.37 0.95 43.10
C VAL B 268 -15.55 -0.20 43.67
N ASP B 269 -16.22 -1.14 44.32
CA ASP B 269 -15.57 -2.29 44.94
C ASP B 269 -15.08 -3.29 43.91
N ASP B 270 -15.91 -3.56 42.92
CA ASP B 270 -15.68 -4.58 41.90
C ASP B 270 -15.33 -3.89 40.59
N PHE B 271 -14.13 -4.15 40.06
CA PHE B 271 -13.68 -3.55 38.81
C PHE B 271 -14.64 -3.82 37.66
N ASN B 272 -15.27 -4.99 37.65
CA ASN B 272 -16.23 -5.33 36.59
C ASN B 272 -17.42 -4.40 36.46
N GLU B 273 -17.75 -3.68 37.53
CA GLU B 273 -18.83 -2.70 37.49
C GLU B 273 -18.62 -1.67 36.37
N LEU B 274 -17.36 -1.28 36.14
CA LEU B 274 -17.05 -0.23 35.16
C LEU B 274 -16.53 -0.74 33.83
N GLU B 275 -16.29 -2.05 33.72
CA GLU B 275 -15.98 -2.72 32.45
C GLU B 275 -14.67 -2.22 31.81
N ARG B 276 -13.70 -1.80 32.62
CA ARG B 276 -12.44 -1.26 32.10
C ARG B 276 -11.27 -2.20 32.28
N PHE B 277 -11.13 -2.78 33.46
CA PHE B 277 -10.00 -3.66 33.76
C PHE B 277 -10.22 -5.01 33.07
N PRO B 278 -9.18 -5.60 32.51
CA PRO B 278 -7.82 -5.04 32.49
C PRO B 278 -7.60 -4.16 31.29
N ALA B 279 -6.47 -3.46 31.28
CA ALA B 279 -6.13 -2.60 30.16
C ALA B 279 -6.06 -3.38 28.86
N ASP B 280 -6.60 -2.78 27.82
CA ASP B 280 -6.49 -3.32 26.48
C ASP B 280 -5.12 -2.95 25.90
N VAL B 281 -4.63 -1.75 26.23
CA VAL B 281 -3.30 -1.33 25.87
C VAL B 281 -2.64 -0.49 26.95
N HIS B 282 -1.52 -0.99 27.46
CA HIS B 282 -0.61 -0.19 28.27
C HIS B 282 0.47 0.43 27.38
N VAL B 283 0.48 1.74 27.24
CA VAL B 283 1.57 2.42 26.52
C VAL B 283 2.67 2.74 27.51
N ILE B 284 3.89 2.30 27.22
CA ILE B 284 5.05 2.60 28.05
C ILE B 284 6.27 2.88 27.20
N GLY B 285 7.31 3.42 27.82
CA GLY B 285 8.62 3.52 27.20
C GLY B 285 9.39 2.22 27.45
N LYS B 286 10.44 1.99 26.66
CA LYS B 286 11.26 0.77 26.80
C LYS B 286 11.92 0.66 28.17
N ASP B 287 12.21 1.80 28.76
CA ASP B 287 12.88 1.89 30.08
C ASP B 287 12.11 1.22 31.23
N ILE B 288 10.80 0.99 31.10
CA ILE B 288 10.01 0.38 32.18
C ILE B 288 9.26 -0.89 31.76
N LEU B 289 9.80 -1.57 30.76
CA LEU B 289 9.20 -2.80 30.24
C LEU B 289 9.16 -3.92 31.26
N LYS B 290 10.24 -4.09 32.02
CA LYS B 290 10.33 -5.23 32.93
C LYS B 290 9.23 -5.10 33.98
N PHE B 291 8.95 -3.88 34.41
CA PHE B 291 7.98 -3.65 35.49
C PHE B 291 6.57 -3.98 35.02
N HIS B 292 6.28 -3.65 33.76
CA HIS B 292 4.95 -3.86 33.19
C HIS B 292 4.71 -5.27 32.64
N ALA B 293 5.75 -5.92 32.15
CA ALA B 293 5.62 -7.22 31.53
C ALA B 293 5.95 -8.39 32.46
N ILE B 294 6.60 -8.08 33.58
CA ILE B 294 7.01 -9.11 34.54
C ILE B 294 6.35 -8.88 35.90
N TYR B 295 6.66 -7.76 36.57
CA TYR B 295 6.15 -7.53 37.92
C TYR B 295 4.62 -7.40 37.95
N TRP B 296 4.13 -6.47 37.15
CA TRP B 296 2.71 -6.18 37.07
C TRP B 296 1.87 -7.45 36.87
N PRO B 297 2.14 -8.25 35.81
CA PRO B 297 1.34 -9.48 35.66
C PRO B 297 1.50 -10.50 36.80
N ALA B 298 2.68 -10.60 37.38
CA ALA B 298 2.90 -11.45 38.54
C ALA B 298 2.01 -11.02 39.71
N PHE B 299 1.90 -9.72 39.96
CA PHE B 299 1.01 -9.20 41.01
C PHE B 299 -0.45 -9.57 40.73
N LEU B 300 -0.87 -9.42 39.46
CA LEU B 300 -2.24 -9.69 39.04
C LEU B 300 -2.55 -11.18 39.12
N LEU B 301 -1.57 -12.00 38.75
CA LEU B 301 -1.68 -13.44 38.91
C LEU B 301 -1.84 -13.85 40.39
N SER B 302 -1.07 -13.23 41.28
CA SER B 302 -1.18 -13.51 42.71
C SER B 302 -2.59 -13.18 43.21
N ALA B 303 -3.13 -12.06 42.77
CA ALA B 303 -4.42 -11.55 43.27
C ALA B 303 -5.64 -12.15 42.56
N GLY B 304 -5.39 -13.00 41.56
CA GLY B 304 -6.45 -13.56 40.75
C GLY B 304 -7.13 -12.57 39.83
N LEU B 305 -6.42 -11.49 39.48
CA LEU B 305 -6.96 -10.47 38.60
C LEU B 305 -6.60 -10.79 37.16
N PRO B 306 -7.41 -10.32 36.19
CA PRO B 306 -7.11 -10.55 34.78
C PRO B 306 -5.93 -9.72 34.29
N LEU B 307 -5.24 -10.26 33.29
CA LEU B 307 -4.01 -9.62 32.78
C LEU B 307 -4.33 -8.71 31.61
N PRO B 308 -3.51 -7.69 31.41
CA PRO B 308 -3.72 -6.80 30.27
C PRO B 308 -3.60 -7.55 28.94
N LYS B 309 -4.19 -7.00 27.90
CA LYS B 309 -4.17 -7.64 26.58
C LYS B 309 -2.86 -7.36 25.87
N LYS B 310 -2.44 -6.10 25.90
CA LYS B 310 -1.24 -5.66 25.21
C LYS B 310 -0.46 -4.61 26.00
N ILE B 311 0.85 -4.75 25.97
CA ILE B 311 1.78 -3.73 26.41
C ILE B 311 2.56 -3.32 25.17
N VAL B 312 2.55 -2.04 24.85
CA VAL B 312 3.33 -1.54 23.73
C VAL B 312 4.40 -0.61 24.26
N ALA B 313 5.64 -0.90 23.92
CA ALA B 313 6.80 -0.19 24.46
C ALA B 313 7.56 0.51 23.36
N HIS B 314 7.58 1.83 23.43
CA HIS B 314 8.17 2.67 22.38
C HIS B 314 9.62 3.05 22.72
N GLY B 315 10.28 3.77 21.81
CA GLY B 315 11.66 4.23 21.99
C GLY B 315 11.84 5.62 22.61
N TRP B 316 13.09 6.07 22.71
CA TRP B 316 13.40 7.43 23.18
C TRP B 316 13.53 8.36 21.97
N TRP B 317 13.71 9.65 22.22
CA TRP B 317 13.91 10.64 21.16
C TRP B 317 15.25 11.36 21.26
N THR B 318 15.76 11.75 20.10
CA THR B 318 16.86 12.69 20.00
C THR B 318 16.42 13.94 19.20
N LYS B 319 17.24 14.99 19.23
CA LYS B 319 17.03 16.17 18.37
C LYS B 319 18.32 16.49 17.64
N ASP B 320 18.25 16.58 16.31
CA ASP B 320 19.45 16.74 15.47
C ASP B 320 20.51 15.68 15.79
N ARG B 321 20.05 14.44 15.87
CA ARG B 321 20.87 13.25 16.13
C ARG B 321 21.73 13.35 17.40
N LYS B 322 21.32 14.17 18.36
CA LYS B 322 22.01 14.29 19.65
C LYS B 322 21.05 14.16 20.83
N LYS B 323 21.59 13.81 22.00
CA LYS B 323 20.81 13.61 23.21
C LYS B 323 20.09 14.90 23.63
N ILE B 324 18.86 14.76 24.10
CA ILE B 324 18.04 15.92 24.47
C ILE B 324 18.25 16.30 25.94
N SER B 325 19.02 17.36 26.17
CA SER B 325 19.31 17.83 27.52
C SER B 325 19.34 19.36 27.55
N LYS B 326 18.72 19.94 28.59
CA LYS B 326 18.72 21.39 28.79
C LYS B 326 20.13 21.85 29.18
N SER B 327 20.79 21.07 30.02
CA SER B 327 22.16 21.37 30.48
C SER B 327 23.24 21.16 29.41
N LEU B 328 23.02 20.20 28.50
CA LEU B 328 23.93 19.95 27.38
C LEU B 328 23.60 20.78 26.13
N GLY B 329 22.63 21.69 26.24
CA GLY B 329 22.29 22.62 25.17
C GLY B 329 21.63 21.99 23.97
N ASN B 330 20.61 21.17 24.20
CA ASN B 330 19.80 20.64 23.11
C ASN B 330 18.34 20.41 23.58
N VAL B 331 17.63 21.53 23.73
CA VAL B 331 16.24 21.52 24.16
C VAL B 331 15.33 21.13 22.99
N PHE B 332 14.33 20.33 23.29
CA PHE B 332 13.22 20.04 22.35
C PHE B 332 11.89 20.21 23.08
N ASP B 333 11.30 21.39 22.94
CA ASP B 333 10.07 21.76 23.64
C ASP B 333 8.87 21.54 22.71
N PRO B 334 8.04 20.55 23.02
CA PRO B 334 6.93 20.25 22.11
C PRO B 334 5.90 21.39 21.99
N VAL B 335 5.64 22.10 23.08
CA VAL B 335 4.68 23.20 23.04
C VAL B 335 5.19 24.29 22.10
N GLU B 336 6.49 24.56 22.18
CA GLU B 336 7.12 25.59 21.36
C GLU B 336 7.08 25.24 19.88
N LYS B 337 7.38 23.99 19.54
CA LYS B 337 7.33 23.54 18.15
C LYS B 337 5.91 23.49 17.61
N ALA B 338 4.96 23.17 18.47
CA ALA B 338 3.55 23.15 18.07
C ALA B 338 3.04 24.56 17.76
N GLU B 339 3.49 25.55 18.54
CA GLU B 339 3.16 26.95 18.26
C GLU B 339 3.75 27.40 16.93
N GLU B 340 4.92 26.84 16.57
CA GLU B 340 5.57 27.19 15.32
C GLU B 340 5.00 26.50 14.09
N PHE B 341 4.75 25.20 14.18
CA PHE B 341 4.36 24.39 13.02
C PHE B 341 2.89 23.93 13.04
N GLY B 342 2.21 24.15 14.16
CA GLY B 342 0.86 23.61 14.37
C GLY B 342 0.89 22.36 15.25
N TYR B 343 -0.16 22.19 16.05
CA TYR B 343 -0.25 21.07 16.98
C TYR B 343 -0.46 19.72 16.28
N ASP B 344 -1.48 19.63 15.44
CA ASP B 344 -1.75 18.40 14.69
C ASP B 344 -0.56 18.01 13.86
N ALA B 345 0.09 18.99 13.25
CA ALA B 345 1.27 18.75 12.42
C ALA B 345 2.39 18.08 13.22
N LEU B 346 2.70 18.64 14.39
CA LEU B 346 3.72 18.06 15.26
C LEU B 346 3.34 16.65 15.70
N LYS B 347 2.08 16.46 16.05
CA LYS B 347 1.63 15.14 16.45
C LYS B 347 1.81 14.15 15.29
N TYR B 348 1.38 14.56 14.11
CA TYR B 348 1.59 13.77 12.91
C TYR B 348 3.06 13.41 12.75
N PHE B 349 3.94 14.40 12.89
CA PHE B 349 5.36 14.13 12.73
C PHE B 349 5.89 13.10 13.71
N LEU B 350 5.60 13.29 14.99
CA LEU B 350 6.13 12.41 16.03
C LEU B 350 5.69 10.95 15.81
N LEU B 351 4.47 10.78 15.32
CA LEU B 351 3.88 9.46 15.12
C LEU B 351 4.29 8.84 13.80
N ARG B 352 4.59 9.68 12.82
CA ARG B 352 4.92 9.23 11.46
C ARG B 352 6.43 9.02 11.31
N GLU B 353 7.21 9.85 11.98
CA GLU B 353 8.66 9.83 11.78
C GLU B 353 9.30 8.54 12.29
N SER B 354 8.76 7.93 13.33
CA SER B 354 9.35 6.70 13.81
C SER B 354 8.40 5.69 14.40
N GLY B 355 8.76 4.43 14.30
CA GLY B 355 7.98 3.37 14.90
C GLY B 355 8.43 3.15 16.31
N PHE B 356 7.78 2.18 16.93
CA PHE B 356 8.04 1.88 18.32
C PHE B 356 9.35 1.13 18.49
N SER B 357 9.86 0.53 17.41
CA SER B 357 11.16 -0.14 17.43
C SER B 357 12.33 0.82 17.43
N ASP B 358 12.11 2.03 16.93
CA ASP B 358 13.18 2.98 16.68
C ASP B 358 13.19 4.08 17.75
N ASP B 359 14.37 4.61 18.02
CA ASP B 359 14.53 5.88 18.71
C ASP B 359 14.45 6.99 17.66
N GLY B 360 13.34 7.73 17.68
CA GLY B 360 13.10 8.76 16.67
C GLY B 360 14.06 9.94 16.76
N ASP B 361 14.24 10.61 15.62
CA ASP B 361 15.01 11.88 15.55
C ASP B 361 14.23 13.05 14.95
N TYR B 362 13.99 14.08 15.76
CA TYR B 362 13.43 15.33 15.27
C TYR B 362 14.52 16.27 14.76
N SER B 363 14.32 16.80 13.55
CA SER B 363 14.97 18.05 13.12
C SER B 363 13.92 18.93 12.46
N ASP B 364 14.20 20.22 12.40
CA ASP B 364 13.32 21.16 11.70
C ASP B 364 13.25 20.84 10.20
N LYS B 365 14.38 20.46 9.60
CA LYS B 365 14.43 20.12 8.17
C LYS B 365 13.40 19.04 7.86
N ASN B 366 13.44 17.96 8.63
CA ASN B 366 12.52 16.83 8.43
C ASN B 366 11.08 17.15 8.79
N MET B 367 10.88 17.96 9.81
CA MET B 367 9.56 18.42 10.22
C MET B 367 8.87 19.20 9.10
N ILE B 368 9.59 20.17 8.55
CA ILE B 368 9.13 20.95 7.41
C ILE B 368 8.94 20.06 6.17
N ALA B 369 9.87 19.15 5.95
CA ALA B 369 9.77 18.23 4.82
C ALA B 369 8.45 17.46 4.83
N ARG B 370 8.09 16.91 5.99
CA ARG B 370 6.84 16.16 6.13
C ARG B 370 5.63 17.08 6.11
N LEU B 371 5.74 18.22 6.76
CA LEU B 371 4.69 19.23 6.71
C LEU B 371 4.35 19.59 5.27
N ASN B 372 5.35 20.02 4.51
CA ASN B 372 5.16 20.42 3.13
C ASN B 372 4.74 19.25 2.21
N GLY B 373 5.44 18.13 2.30
CA GLY B 373 5.25 17.01 1.38
C GLY B 373 3.98 16.18 1.57
N GLU B 374 3.73 15.76 2.79
CA GLU B 374 2.60 14.89 3.09
C GLU B 374 1.36 15.69 3.44
N LEU B 375 1.48 16.58 4.43
CA LEU B 375 0.32 17.32 4.97
C LEU B 375 -0.23 18.37 4.02
N ALA B 376 0.63 19.21 3.47
CA ALA B 376 0.20 20.26 2.53
C ALA B 376 0.01 19.70 1.10
N ASP B 377 1.08 19.14 0.54
CA ASP B 377 1.07 18.69 -0.85
C ASP B 377 0.15 17.51 -1.13
N THR B 378 0.12 16.53 -0.24
CA THR B 378 -0.66 15.33 -0.50
C THR B 378 -2.08 15.52 0.00
N LEU B 379 -2.22 15.80 1.29
CA LEU B 379 -3.54 15.88 1.90
C LEU B 379 -4.26 17.22 1.67
N GLY B 380 -3.59 18.32 2.03
CA GLY B 380 -4.19 19.64 1.93
C GLY B 380 -4.58 20.03 0.51
N ASN B 381 -3.66 19.80 -0.41
CA ASN B 381 -3.88 20.07 -1.83
C ASN B 381 -5.13 19.38 -2.38
N LEU B 382 -5.31 18.14 -1.97
CA LEU B 382 -6.41 17.30 -2.42
C LEU B 382 -7.75 17.81 -1.91
N VAL B 383 -7.75 18.25 -0.66
CA VAL B 383 -8.96 18.78 -0.03
C VAL B 383 -9.43 20.01 -0.78
N MET B 384 -8.50 20.88 -1.13
CA MET B 384 -8.83 22.12 -1.83
C MET B 384 -9.32 21.82 -3.26
N ARG B 385 -8.67 20.86 -3.93
CA ARG B 385 -9.09 20.44 -5.29
C ARG B 385 -10.55 19.99 -5.37
N CYS B 386 -10.97 19.13 -4.45
CA CYS B 386 -12.31 18.56 -4.55
C CYS B 386 -13.40 19.48 -3.98
N THR B 387 -12.99 20.52 -3.27
CA THR B 387 -13.91 21.53 -2.75
C THR B 387 -13.88 22.83 -3.54
N SER B 388 -12.86 23.01 -4.37
CA SER B 388 -12.70 24.21 -5.23
C SER B 388 -13.96 24.60 -6.01
N ALA B 389 -14.19 25.91 -6.10
CA ALA B 389 -15.30 26.44 -6.90
C ALA B 389 -15.12 26.19 -8.41
N LYS B 390 -13.87 26.15 -8.86
CA LYS B 390 -13.56 25.88 -10.27
C LYS B 390 -14.01 24.48 -10.68
N ILE B 391 -13.70 23.49 -9.86
CA ILE B 391 -13.96 22.08 -10.17
C ILE B 391 -15.32 21.62 -9.66
N ASN B 392 -15.59 21.89 -8.39
CA ASN B 392 -16.88 21.59 -7.77
C ASN B 392 -17.78 22.83 -7.87
N VAL B 393 -18.39 23.01 -9.02
CA VAL B 393 -19.07 24.27 -9.32
C VAL B 393 -20.41 24.39 -8.58
N ASN B 394 -21.05 23.26 -8.29
CA ASN B 394 -22.31 23.28 -7.53
C ASN B 394 -22.15 23.27 -6.01
N GLY B 395 -20.92 23.13 -5.53
CA GLY B 395 -20.63 23.06 -4.09
C GLY B 395 -21.42 21.97 -3.39
N GLU B 396 -21.34 20.75 -3.91
CA GLU B 396 -22.10 19.63 -3.37
C GLU B 396 -21.45 18.31 -3.73
N TRP B 397 -21.87 17.25 -3.04
CA TRP B 397 -21.47 15.90 -3.41
C TRP B 397 -22.28 15.48 -4.62
N PRO B 398 -21.62 15.25 -5.77
CA PRO B 398 -22.39 14.91 -6.94
C PRO B 398 -22.77 13.43 -6.96
N SER B 399 -23.73 13.10 -7.82
CA SER B 399 -24.23 11.76 -7.95
C SER B 399 -23.43 11.07 -9.07
N PRO B 400 -22.69 10.01 -8.75
CA PRO B 400 -21.77 9.45 -9.76
C PRO B 400 -22.51 8.77 -10.89
N ALA B 401 -21.93 8.80 -12.09
CA ALA B 401 -22.40 8.00 -13.22
C ALA B 401 -21.72 6.63 -13.17
N ALA B 402 -21.71 5.92 -14.30
CA ALA B 402 -21.08 4.60 -14.34
C ALA B 402 -19.58 4.63 -14.00
N TYR B 403 -19.09 3.56 -13.39
CA TYR B 403 -17.68 3.46 -12.99
C TYR B 403 -16.82 2.70 -14.01
N THR B 404 -15.69 3.29 -14.37
CA THR B 404 -14.67 2.60 -15.16
C THR B 404 -13.84 1.65 -14.27
N GLU B 405 -13.03 0.78 -14.88
CA GLU B 405 -12.11 -0.04 -14.10
C GLU B 405 -11.12 0.79 -13.29
N GLU B 406 -10.68 1.91 -13.84
CA GLU B 406 -9.80 2.80 -13.09
C GLU B 406 -10.54 3.41 -11.88
N ASP B 407 -11.81 3.73 -12.04
CA ASP B 407 -12.62 4.17 -10.93
C ASP B 407 -12.67 3.08 -9.87
N GLU B 408 -12.98 1.88 -10.30
CA GLU B 408 -13.14 0.76 -9.39
C GLU B 408 -11.82 0.40 -8.67
N SER B 409 -10.68 0.58 -9.34
CA SER B 409 -9.40 0.29 -8.73
C SER B 409 -9.20 1.22 -7.52
N LEU B 410 -9.50 2.49 -7.69
CA LEU B 410 -9.38 3.45 -6.59
C LEU B 410 -10.37 3.17 -5.47
N ILE B 411 -11.61 2.87 -5.87
CA ILE B 411 -12.68 2.56 -4.94
C ILE B 411 -12.31 1.35 -4.06
N GLN B 412 -11.73 0.35 -4.68
CA GLN B 412 -11.31 -0.84 -3.96
C GLN B 412 -10.31 -0.46 -2.85
N LEU B 413 -9.36 0.41 -3.18
CA LEU B 413 -8.37 0.85 -2.21
C LEU B 413 -9.04 1.55 -1.03
N ILE B 414 -10.03 2.37 -1.32
CA ILE B 414 -10.75 3.12 -0.29
C ILE B 414 -11.60 2.19 0.57
N LYS B 415 -12.22 1.21 -0.07
CA LYS B 415 -12.98 0.20 0.66
C LYS B 415 -12.08 -0.66 1.56
N ASP B 416 -10.90 -1.01 1.06
CA ASP B 416 -9.98 -1.88 1.79
C ASP B 416 -9.29 -1.16 2.94
N LEU B 417 -9.24 0.17 2.86
CA LEU B 417 -8.43 0.94 3.80
C LEU B 417 -8.83 0.77 5.28
N PRO B 418 -10.13 0.89 5.62
CA PRO B 418 -10.50 0.75 7.02
C PRO B 418 -10.07 -0.56 7.66
N GLY B 419 -10.21 -1.68 6.97
CA GLY B 419 -9.81 -2.96 7.53
C GLY B 419 -8.31 -3.02 7.79
N THR B 420 -7.55 -2.43 6.88
CA THR B 420 -6.11 -2.42 6.95
C THR B 420 -5.66 -1.51 8.09
N ALA B 421 -6.22 -0.31 8.12
CA ALA B 421 -5.89 0.66 9.15
C ALA B 421 -6.29 0.15 10.53
N ASP B 422 -7.47 -0.49 10.62
CA ASP B 422 -7.94 -1.05 11.89
C ASP B 422 -6.93 -2.02 12.48
N HIS B 423 -6.44 -2.95 11.67
CA HIS B 423 -5.47 -3.94 12.16
C HIS B 423 -4.21 -3.26 12.69
N TYR B 424 -3.74 -2.24 11.97
CA TYR B 424 -2.54 -1.53 12.39
C TYR B 424 -2.79 -0.82 13.73
N TYR B 425 -3.90 -0.11 13.84
CA TYR B 425 -4.25 0.58 15.08
C TYR B 425 -4.35 -0.38 16.25
N LEU B 426 -4.77 -1.61 16.00
CA LEU B 426 -4.91 -2.59 17.06
C LEU B 426 -3.63 -3.33 17.45
N ILE B 427 -2.58 -3.23 16.66
CA ILE B 427 -1.33 -3.95 16.96
C ILE B 427 -0.76 -3.58 18.33
N PRO B 428 -0.52 -2.29 18.62
CA PRO B 428 -0.75 -1.14 17.75
C PRO B 428 0.52 -0.66 17.04
N ASP B 429 0.36 -0.14 15.84
CA ASP B 429 1.46 0.38 15.04
C ASP B 429 0.91 1.57 14.31
N ILE B 430 0.98 2.73 14.95
CA ILE B 430 0.34 3.93 14.46
C ILE B 430 1.08 4.45 13.22
N GLN B 431 2.40 4.26 13.18
CA GLN B 431 3.17 4.66 12.02
C GLN B 431 2.61 3.98 10.76
N LYS B 432 2.39 2.66 10.83
CA LYS B 432 1.90 1.91 9.68
C LYS B 432 0.46 2.28 9.31
N ALA B 433 -0.35 2.64 10.29
CA ALA B 433 -1.69 3.07 10.01
C ALA B 433 -1.66 4.36 9.21
N ILE B 434 -0.77 5.28 9.61
CA ILE B 434 -0.64 6.53 8.89
C ILE B 434 -0.17 6.28 7.45
N ILE B 435 0.86 5.45 7.30
CA ILE B 435 1.42 5.15 6.00
C ILE B 435 0.35 4.55 5.10
N ALA B 436 -0.50 3.71 5.66
CA ALA B 436 -1.56 3.05 4.88
C ALA B 436 -2.56 4.08 4.37
N VAL B 437 -2.94 5.03 5.21
CA VAL B 437 -3.87 6.04 4.78
C VAL B 437 -3.22 6.88 3.68
N PHE B 438 -1.98 7.29 3.89
CA PHE B 438 -1.31 8.16 2.92
C PHE B 438 -1.02 7.46 1.59
N ASP B 439 -0.91 6.13 1.61
CA ASP B 439 -0.79 5.37 0.38
C ASP B 439 -2.04 5.62 -0.45
N VAL B 440 -3.20 5.64 0.21
CA VAL B 440 -4.46 5.85 -0.46
C VAL B 440 -4.59 7.30 -0.88
N LEU B 441 -4.07 8.22 -0.09
CA LEU B 441 -4.09 9.63 -0.46
C LEU B 441 -3.24 9.87 -1.71
N ARG B 442 -2.06 9.27 -1.75
CA ARG B 442 -1.23 9.38 -2.94
C ARG B 442 -1.99 8.83 -4.16
N ALA B 443 -2.65 7.70 -3.99
CA ALA B 443 -3.42 7.08 -5.08
C ALA B 443 -4.57 7.96 -5.59
N ILE B 444 -5.25 8.65 -4.68
CA ILE B 444 -6.32 9.55 -5.05
C ILE B 444 -5.76 10.73 -5.84
N ASN B 445 -4.63 11.27 -5.41
CA ASN B 445 -3.98 12.37 -6.14
C ASN B 445 -3.62 11.96 -7.56
N ALA B 446 -3.04 10.77 -7.70
CA ALA B 446 -2.71 10.20 -9.00
C ALA B 446 -3.95 10.10 -9.90
N TYR B 447 -5.04 9.59 -9.32
CA TYR B 447 -6.33 9.46 -10.04
C TYR B 447 -6.79 10.82 -10.54
N VAL B 448 -6.80 11.80 -9.65
CA VAL B 448 -7.19 13.16 -9.97
C VAL B 448 -6.32 13.75 -11.09
N THR B 449 -5.02 13.49 -11.01
CA THR B 449 -4.11 13.94 -12.06
C THR B 449 -4.44 13.26 -13.39
N ASP B 450 -4.72 11.96 -13.38
CA ASP B 450 -5.08 11.25 -14.60
C ASP B 450 -6.42 11.71 -15.18
N MET B 451 -7.39 12.01 -14.32
CA MET B 451 -8.72 12.36 -14.78
C MET B 451 -8.87 13.85 -15.12
N ALA B 452 -7.99 14.68 -14.56
CA ALA B 452 -7.95 16.11 -14.86
C ALA B 452 -9.32 16.78 -14.76
N PRO B 453 -9.97 16.68 -13.59
CA PRO B 453 -11.36 17.14 -13.43
C PRO B 453 -11.55 18.61 -13.84
N TRP B 454 -10.53 19.44 -13.65
CA TRP B 454 -10.57 20.83 -14.11
C TRP B 454 -10.95 20.94 -15.58
N LYS B 455 -10.41 20.06 -16.42
CA LYS B 455 -10.79 20.04 -17.84
C LYS B 455 -12.20 19.50 -18.09
N LEU B 456 -12.64 18.57 -17.25
CA LEU B 456 -13.93 17.91 -17.42
C LEU B 456 -15.12 18.84 -17.19
N VAL B 457 -14.94 19.93 -16.43
CA VAL B 457 -16.05 20.87 -16.17
C VAL B 457 -16.62 21.41 -17.49
N LYS B 458 -15.75 21.65 -18.47
CA LYS B 458 -16.18 22.12 -19.81
C LYS B 458 -16.47 20.96 -20.77
N THR B 459 -15.69 19.88 -20.68
CA THR B 459 -15.73 18.80 -21.67
C THR B 459 -16.78 17.71 -21.41
N ASP B 460 -16.80 17.15 -20.20
CA ASP B 460 -17.64 16.00 -19.87
C ASP B 460 -18.16 16.11 -18.43
N PRO B 461 -19.26 16.85 -18.24
CA PRO B 461 -19.83 17.05 -16.90
C PRO B 461 -20.30 15.76 -16.23
N GLU B 462 -20.87 14.85 -17.03
CA GLU B 462 -21.34 13.57 -16.52
C GLU B 462 -20.16 12.77 -15.93
N ARG B 463 -19.03 12.78 -16.63
CA ARG B 463 -17.84 12.10 -16.15
C ARG B 463 -17.29 12.75 -14.89
N LEU B 464 -17.28 14.08 -14.85
CA LEU B 464 -16.81 14.82 -13.68
C LEU B 464 -17.56 14.42 -12.41
N ARG B 465 -18.87 14.26 -12.52
CA ARG B 465 -19.67 13.82 -11.38
C ARG B 465 -19.04 12.59 -10.71
N THR B 466 -18.73 11.60 -11.53
CA THR B 466 -18.17 10.36 -11.06
C THR B 466 -16.81 10.60 -10.39
N VAL B 467 -15.96 11.38 -11.05
CA VAL B 467 -14.58 11.62 -10.60
C VAL B 467 -14.58 12.38 -9.28
N LEU B 468 -15.41 13.40 -9.23
CA LEU B 468 -15.50 14.26 -8.08
C LEU B 468 -16.04 13.48 -6.91
N TYR B 469 -17.05 12.66 -7.14
CA TYR B 469 -17.67 11.88 -6.07
C TYR B 469 -16.68 10.90 -5.42
N ILE B 470 -15.93 10.18 -6.25
CA ILE B 470 -14.94 9.26 -5.74
C ILE B 470 -13.86 10.01 -4.94
N THR B 471 -13.44 11.16 -5.45
CA THR B 471 -12.41 11.95 -4.79
C THR B 471 -12.89 12.37 -3.41
N LEU B 472 -14.05 13.03 -3.38
CA LEU B 472 -14.65 13.46 -2.12
C LEU B 472 -14.74 12.30 -1.11
N GLU B 473 -15.19 11.15 -1.58
CA GLU B 473 -15.42 10.03 -0.68
C GLU B 473 -14.09 9.50 -0.18
N GLY B 474 -13.10 9.45 -1.06
CA GLY B 474 -11.74 9.05 -0.65
C GLY B 474 -11.19 9.97 0.42
N VAL B 475 -11.37 11.28 0.22
CA VAL B 475 -10.91 12.25 1.19
C VAL B 475 -11.62 12.05 2.53
N ARG B 476 -12.94 11.88 2.51
CA ARG B 476 -13.70 11.66 3.74
C ARG B 476 -13.19 10.47 4.53
N VAL B 477 -13.03 9.34 3.84
CA VAL B 477 -12.65 8.09 4.51
C VAL B 477 -11.23 8.14 5.05
N THR B 478 -10.30 8.67 4.26
CA THR B 478 -8.90 8.83 4.73
C THR B 478 -8.85 9.80 5.90
N THR B 479 -9.64 10.87 5.83
CA THR B 479 -9.71 11.84 6.89
C THR B 479 -10.28 11.21 8.16
N LEU B 480 -11.32 10.38 8.01
CA LEU B 480 -11.91 9.71 9.16
C LEU B 480 -10.84 8.89 9.87
N LEU B 481 -10.09 8.08 9.13
CA LEU B 481 -9.08 7.24 9.76
C LEU B 481 -7.86 8.02 10.25
N LEU B 482 -7.67 9.23 9.73
CA LEU B 482 -6.61 10.12 10.24
C LEU B 482 -7.05 11.02 11.39
N SER B 483 -8.33 10.99 11.73
CA SER B 483 -8.84 11.92 12.75
C SER B 483 -8.21 11.76 14.12
N PRO B 484 -7.81 10.53 14.50
CA PRO B 484 -7.09 10.42 15.77
C PRO B 484 -5.69 11.08 15.77
N ILE B 485 -5.08 11.20 14.59
CA ILE B 485 -3.76 11.82 14.44
C ILE B 485 -3.88 13.34 14.29
N LEU B 486 -4.91 13.78 13.57
CA LEU B 486 -5.13 15.19 13.25
C LEU B 486 -6.52 15.60 13.72
N PRO B 487 -6.73 15.60 15.04
CA PRO B 487 -8.09 15.79 15.55
C PRO B 487 -8.75 17.12 15.18
N ARG B 488 -8.00 18.22 15.15
CA ARG B 488 -8.53 19.52 14.79
C ARG B 488 -8.68 19.68 13.29
N LYS B 489 -7.62 19.36 12.56
CA LYS B 489 -7.63 19.52 11.12
C LYS B 489 -8.66 18.61 10.45
N SER B 490 -8.92 17.45 11.03
CA SER B 490 -9.96 16.57 10.52
C SER B 490 -11.33 17.25 10.58
N VAL B 491 -11.59 17.97 11.67
CA VAL B 491 -12.84 18.68 11.83
C VAL B 491 -12.94 19.76 10.76
N VAL B 492 -11.83 20.49 10.53
CA VAL B 492 -11.82 21.50 9.49
C VAL B 492 -12.14 20.86 8.13
N ILE B 493 -11.52 19.72 7.86
CA ILE B 493 -11.72 19.05 6.58
C ILE B 493 -13.18 18.65 6.41
N PHE B 494 -13.75 17.97 7.39
CA PHE B 494 -15.15 17.56 7.34
C PHE B 494 -16.08 18.76 7.17
N ASP B 495 -15.78 19.86 7.87
CA ASP B 495 -16.56 21.09 7.70
C ASP B 495 -16.54 21.57 6.27
N MET B 496 -15.37 21.52 5.63
CA MET B 496 -15.26 21.92 4.23
C MET B 496 -16.08 20.99 3.33
N LEU B 497 -15.96 19.69 3.57
CA LEU B 497 -16.70 18.69 2.82
C LEU B 497 -18.19 18.71 3.14
N GLY B 498 -18.55 19.37 4.24
CA GLY B 498 -19.94 19.44 4.67
C GLY B 498 -20.48 18.11 5.17
N VAL B 499 -19.60 17.29 5.71
CA VAL B 499 -19.98 15.97 6.24
C VAL B 499 -20.75 16.19 7.51
N PRO B 500 -21.99 15.67 7.59
CA PRO B 500 -22.73 15.84 8.85
C PRO B 500 -22.02 15.16 10.04
N GLU B 501 -22.19 15.75 11.22
CA GLU B 501 -21.58 15.27 12.46
C GLU B 501 -21.72 13.75 12.66
N VAL B 502 -22.94 13.26 12.47
CA VAL B 502 -23.24 11.86 12.66
C VAL B 502 -22.35 10.93 11.85
N HIS B 503 -21.90 11.39 10.67
CA HIS B 503 -21.05 10.59 9.81
C HIS B 503 -19.55 10.74 10.11
N ARG B 504 -19.19 11.42 11.20
CA ARG B 504 -17.79 11.65 11.53
C ARG B 504 -17.28 10.66 12.57
N LYS B 505 -18.10 9.66 12.90
CA LYS B 505 -17.83 8.75 14.00
C LYS B 505 -18.57 7.45 13.70
N GLY B 506 -18.08 6.33 14.22
CA GLY B 506 -18.80 5.06 14.15
C GLY B 506 -18.36 4.20 12.98
N ILE B 507 -18.18 2.92 13.24
CA ILE B 507 -17.67 1.97 12.28
C ILE B 507 -18.54 1.85 11.02
N GLU B 508 -19.84 2.12 11.18
CA GLU B 508 -20.75 2.12 10.06
C GLU B 508 -20.35 3.13 8.99
N ASN B 509 -19.69 4.22 9.41
CA ASN B 509 -19.23 5.29 8.49
C ASN B 509 -17.82 5.08 7.91
N PHE B 510 -17.17 4.00 8.30
CA PHE B 510 -15.97 3.50 7.64
C PHE B 510 -16.30 3.05 6.22
N GLU B 511 -17.56 2.66 5.99
CA GLU B 511 -17.97 2.12 4.70
C GLU B 511 -18.07 3.16 3.61
N PHE B 512 -17.73 2.74 2.39
CA PHE B 512 -17.76 3.57 1.21
C PHE B 512 -19.19 3.97 0.90
N GLY B 513 -19.39 5.26 0.65
CA GLY B 513 -20.67 5.79 0.21
C GLY B 513 -21.63 6.20 1.31
N ALA B 514 -21.15 6.33 2.54
CA ALA B 514 -22.02 6.61 3.69
C ALA B 514 -22.57 8.04 3.68
N VAL B 515 -21.97 8.92 2.89
CA VAL B 515 -22.45 10.27 2.74
C VAL B 515 -23.14 10.39 1.38
N PRO B 516 -24.44 10.69 1.39
CA PRO B 516 -25.22 10.65 0.15
C PRO B 516 -24.96 11.85 -0.76
N PRO B 517 -25.08 11.63 -2.08
CA PRO B 517 -25.00 12.75 -3.02
C PRO B 517 -26.07 13.79 -2.73
N GLY B 518 -25.75 15.05 -3.03
CA GLY B 518 -26.63 16.16 -2.71
C GLY B 518 -26.27 16.87 -1.43
N THR B 519 -25.42 16.25 -0.62
CA THR B 519 -24.88 16.91 0.57
C THR B 519 -24.12 18.16 0.16
N ARG B 520 -24.41 19.29 0.82
CA ARG B 520 -23.80 20.56 0.46
C ARG B 520 -22.46 20.71 1.20
N LEU B 521 -21.47 21.28 0.53
CA LEU B 521 -20.19 21.63 1.16
C LEU B 521 -20.39 22.77 2.14
N GLY B 522 -19.43 22.94 3.04
CA GLY B 522 -19.46 24.05 3.99
C GLY B 522 -19.01 25.30 3.28
N PRO B 523 -19.30 26.47 3.84
CA PRO B 523 -18.83 27.67 3.16
C PRO B 523 -17.32 27.72 3.06
N ALA B 524 -16.83 28.40 2.03
CA ALA B 524 -15.41 28.61 1.84
C ALA B 524 -15.06 29.98 2.39
N VAL B 525 -13.82 30.11 2.86
CA VAL B 525 -13.31 31.36 3.44
C VAL B 525 -12.24 31.99 2.54
N GLU B 526 -12.42 33.27 2.18
CA GLU B 526 -11.54 33.96 1.23
C GLU B 526 -10.07 33.51 1.27
N GLY B 527 -9.48 33.48 2.47
CA GLY B 527 -8.05 33.19 2.63
C GLY B 527 -7.65 31.76 3.01
N GLU B 528 -8.56 31.02 3.65
CA GLU B 528 -8.18 29.85 4.46
C GLU B 528 -7.28 28.82 3.74
N VAL B 529 -6.15 28.51 4.38
CA VAL B 529 -5.36 27.31 4.03
C VAL B 529 -5.53 26.28 5.14
N LEU B 530 -5.24 25.04 4.81
CA LEU B 530 -5.36 23.93 5.73
C LEU B 530 -4.02 23.71 6.44
N PHE B 531 -2.96 23.54 5.66
CA PHE B 531 -1.59 23.48 6.16
C PHE B 531 -0.72 24.43 5.35
N SER B 532 -0.14 25.44 5.99
CA SER B 532 0.71 26.41 5.29
C SER B 532 2.14 25.88 5.19
N LYS B 533 2.70 25.92 3.99
CA LYS B 533 4.05 25.44 3.74
C LYS B 533 5.06 26.41 4.35
N ARG B 534 6.28 25.94 4.60
CA ARG B 534 7.31 26.76 5.26
C ARG B 534 8.65 26.76 4.52
N SER B 535 9.38 27.86 4.70
CA SER B 535 10.68 28.08 4.07
C SER B 535 11.62 26.87 4.20
N THR B 536 12.16 26.44 3.07
CA THR B 536 12.97 25.22 2.98
C THR B 536 14.35 25.38 3.65
#